data_7UVU
#
_entry.id   7UVU
#
_cell.length_a   142.147
_cell.length_b   152.662
_cell.length_c   104.342
_cell.angle_alpha   90.000
_cell.angle_beta   118.010
_cell.angle_gamma   90.000
#
_symmetry.space_group_name_H-M   'C 1 2 1'
#
loop_
_entity.id
_entity.type
_entity.pdbx_description
1 polymer 'ATP-dependent Clp protease proteolytic subunit, mitochondrial'
2 non-polymer 3-({3-[(4-chlorophenyl)methyl]-4-oxo-3,5,7,8-tetrahydropyrido[4,3-d]pyrimidin-6(4H)-yl}methyl)benzonitrile
3 water water
#
_entity_poly.entity_id   1
_entity_poly.type   'polypeptide(L)'
_entity_poly.pdbx_seq_one_letter_code
;SLIPIVVEQTGRGERAYDIYSRLLRERIVCVMGPIDDSVASLVIAQLLFLQSESNKKPIHMYINSPGGVVTAGLAIYDTM
QYILNPICTWCVGQAASMGSLLLAAGTPGMRHSLPNSRIMIHQPSGGARGQATDIAIQAEEIMKLKKQLYNIYAKHTKQS
LQVIESAMERDRYMSPMEAQEFGILDKVLVHPPQDGEDEPTLVQKEPVEAAPAAEPVPAST
;
_entity_poly.pdbx_strand_id   A,B,C,D,E,F,G
#
# COMPACT_ATOMS: atom_id res chain seq x y z
N LEU A 2 -10.25 -6.65 3.63
CA LEU A 2 -10.92 -6.80 4.90
C LEU A 2 -12.40 -6.32 4.76
N ILE A 3 -12.70 -5.63 3.66
CA ILE A 3 -13.97 -4.93 3.48
C ILE A 3 -14.81 -5.73 2.48
N PRO A 4 -15.94 -6.32 2.89
CA PRO A 4 -16.67 -7.26 2.03
C PRO A 4 -17.56 -6.58 0.99
N ILE A 5 -18.11 -7.40 0.07
CA ILE A 5 -19.03 -6.95 -0.98
C ILE A 5 -20.41 -7.57 -0.78
N VAL A 6 -21.44 -6.78 -1.12
CA VAL A 6 -22.84 -7.19 -1.13
C VAL A 6 -23.44 -6.77 -2.47
N VAL A 7 -24.44 -7.53 -2.90
CA VAL A 7 -24.95 -7.46 -4.27
C VAL A 7 -26.44 -7.10 -4.24
N GLU A 8 -26.88 -6.43 -5.30
CA GLU A 8 -28.10 -5.58 -5.25
C GLU A 8 -28.83 -5.34 -6.59
N ARG A 15 -25.06 -2.87 -9.20
CA ARG A 15 -25.64 -3.70 -8.16
C ARG A 15 -24.60 -4.41 -7.28
N ALA A 16 -23.35 -3.95 -7.29
CA ALA A 16 -22.32 -4.50 -6.41
C ALA A 16 -21.70 -3.35 -5.65
N TYR A 17 -21.96 -3.29 -4.35
CA TYR A 17 -21.33 -2.31 -3.48
C TYR A 17 -20.51 -3.03 -2.43
N ASP A 18 -19.44 -2.35 -1.99
CA ASP A 18 -18.88 -2.63 -0.69
C ASP A 18 -19.90 -2.27 0.39
N ILE A 19 -19.80 -2.90 1.55
CA ILE A 19 -20.89 -2.75 2.50
C ILE A 19 -20.98 -1.35 3.08
N TYR A 20 -19.90 -0.56 3.01
CA TYR A 20 -20.03 0.83 3.46
C TYR A 20 -20.74 1.68 2.44
N SER A 21 -20.37 1.55 1.16
CA SER A 21 -21.15 2.20 0.11
C SER A 21 -22.62 1.81 0.19
N ARG A 22 -22.90 0.58 0.63
CA ARG A 22 -24.28 0.12 0.79
C ARG A 22 -24.96 0.85 1.95
N LEU A 23 -24.26 1.07 3.05
CA LEU A 23 -24.85 1.82 4.16
C LEU A 23 -25.18 3.25 3.78
N LEU A 24 -24.38 3.85 2.89
CA LEU A 24 -24.71 5.19 2.42
C LEU A 24 -25.95 5.17 1.54
N ARG A 25 -26.20 4.07 0.82
CA ARG A 25 -27.42 4.01 0.01
C ARG A 25 -28.64 3.93 0.89
N GLU A 26 -28.48 3.34 2.07
CA GLU A 26 -29.52 3.37 3.08
C GLU A 26 -29.50 4.64 3.90
N ARG A 27 -28.80 5.69 3.44
CA ARG A 27 -28.75 6.99 4.14
C ARG A 27 -28.10 6.90 5.52
N ILE A 28 -27.21 5.92 5.75
CA ILE A 28 -26.55 5.74 7.04
C ILE A 28 -25.11 6.23 6.91
N VAL A 29 -24.86 7.42 7.45
CA VAL A 29 -23.53 8.00 7.52
C VAL A 29 -22.85 7.59 8.83
N CYS A 30 -21.70 6.97 8.72
CA CYS A 30 -21.02 6.40 9.87
C CYS A 30 -19.96 7.36 10.42
N VAL A 31 -19.99 7.59 11.73
CA VAL A 31 -18.94 8.35 12.40
C VAL A 31 -18.31 7.47 13.47
N MET A 32 -17.91 6.26 13.04
CA MET A 32 -16.90 5.48 13.75
C MET A 32 -15.57 6.20 13.72
N GLY A 33 -14.81 6.04 14.79
CA GLY A 33 -13.44 6.49 14.83
C GLY A 33 -13.30 7.82 15.53
N PRO A 34 -12.07 8.25 15.75
CA PRO A 34 -11.84 9.61 16.22
C PRO A 34 -12.08 10.58 15.08
N ILE A 35 -12.29 11.84 15.41
CA ILE A 35 -12.76 12.80 14.42
C ILE A 35 -11.64 13.76 14.09
N ASP A 36 -10.96 13.52 12.96
CA ASP A 36 -9.97 14.43 12.39
C ASP A 36 -10.54 15.06 11.12
N ASP A 37 -9.80 15.99 10.52
CA ASP A 37 -10.36 16.77 9.40
C ASP A 37 -10.81 15.87 8.24
N SER A 38 -10.05 14.81 7.95
CA SER A 38 -10.44 13.96 6.81
C SER A 38 -11.77 13.27 7.07
N VAL A 39 -12.03 12.86 8.32
CA VAL A 39 -13.33 12.32 8.68
C VAL A 39 -14.42 13.37 8.54
N ALA A 40 -14.16 14.60 8.97
CA ALA A 40 -15.14 15.65 8.81
C ALA A 40 -15.36 15.98 7.34
N SER A 41 -14.26 16.07 6.57
CA SER A 41 -14.38 16.20 5.11
C SER A 41 -15.28 15.12 4.53
N LEU A 42 -15.10 13.88 5.00
CA LEU A 42 -15.81 12.74 4.43
C LEU A 42 -17.28 12.74 4.85
N VAL A 43 -17.53 12.94 6.15
CA VAL A 43 -18.89 13.02 6.67
C VAL A 43 -19.66 14.15 5.99
N ILE A 44 -19.05 15.32 5.89
CA ILE A 44 -19.75 16.45 5.27
C ILE A 44 -20.07 16.13 3.82
N ALA A 45 -19.19 15.40 3.15
CA ALA A 45 -19.47 15.05 1.76
C ALA A 45 -20.74 14.21 1.65
N GLN A 46 -20.89 13.22 2.53
CA GLN A 46 -22.05 12.35 2.52
C GLN A 46 -23.31 13.10 2.93
N LEU A 47 -23.21 13.99 3.91
CA LEU A 47 -24.42 14.69 4.33
C LEU A 47 -24.95 15.59 3.22
N LEU A 48 -24.05 16.27 2.48
CA LEU A 48 -24.55 17.08 1.39
C LEU A 48 -25.14 16.25 0.26
N PHE A 49 -24.65 15.03 0.09
CA PHE A 49 -25.10 14.16 -0.98
C PHE A 49 -26.49 13.62 -0.69
N LEU A 50 -26.64 12.98 0.46
CA LEU A 50 -27.93 12.52 0.91
C LEU A 50 -28.98 13.62 0.89
N GLN A 51 -28.54 14.87 1.11
CA GLN A 51 -29.47 15.99 0.99
C GLN A 51 -29.84 16.23 -0.44
N SER A 52 -28.87 16.12 -1.36
CA SER A 52 -29.17 16.34 -2.76
C SER A 52 -30.17 15.33 -3.27
N GLU A 53 -30.10 14.09 -2.77
CA GLU A 53 -31.00 13.03 -3.24
C GLU A 53 -32.44 13.26 -2.79
N SER A 54 -32.64 13.65 -1.53
CA SER A 54 -33.97 13.98 -1.02
C SER A 54 -33.74 14.86 0.22
N ASN A 55 -33.89 16.17 0.05
CA ASN A 55 -33.69 17.11 1.14
C ASN A 55 -34.72 16.96 2.26
N LYS A 56 -35.66 16.02 2.15
CA LYS A 56 -36.66 15.85 3.18
C LYS A 56 -36.70 14.44 3.78
N LYS A 57 -36.15 13.43 3.11
CA LYS A 57 -35.93 12.15 3.75
C LYS A 57 -34.97 12.31 4.91
N PRO A 58 -35.20 11.60 6.03
CA PRO A 58 -34.21 11.62 7.10
C PRO A 58 -32.87 11.02 6.66
N ILE A 59 -31.83 11.42 7.39
CA ILE A 59 -30.52 10.82 7.36
C ILE A 59 -30.24 10.22 8.73
N HIS A 60 -29.68 9.01 8.75
CA HIS A 60 -29.26 8.39 9.99
C HIS A 60 -27.75 8.47 10.11
N MET A 61 -27.27 9.07 11.19
CA MET A 61 -25.86 9.20 11.54
C MET A 61 -25.56 8.23 12.68
N TYR A 62 -24.75 7.20 12.41
CA TYR A 62 -24.28 6.30 13.47
C TYR A 62 -23.02 6.86 14.13
N ILE A 63 -22.91 6.67 15.44
CA ILE A 63 -21.87 7.36 16.19
C ILE A 63 -21.25 6.40 17.18
N ASN A 64 -19.98 6.05 16.95
CA ASN A 64 -19.16 5.36 17.93
C ASN A 64 -17.78 6.01 17.81
N SER A 65 -17.54 7.01 18.65
CA SER A 65 -16.38 7.86 18.53
C SER A 65 -15.93 8.16 19.94
N PRO A 66 -14.61 8.22 20.17
CA PRO A 66 -14.08 8.71 21.44
C PRO A 66 -13.83 10.21 21.49
N GLY A 67 -13.93 10.92 20.37
CA GLY A 67 -13.72 12.36 20.33
C GLY A 67 -12.96 12.74 19.07
N GLY A 68 -12.34 13.92 19.10
CA GLY A 68 -11.55 14.37 17.97
C GLY A 68 -11.24 15.85 18.00
N VAL A 69 -10.41 16.25 17.04
CA VAL A 69 -10.15 17.64 16.66
C VAL A 69 -11.40 18.51 16.75
N VAL A 70 -11.47 19.36 17.77
CA VAL A 70 -12.70 20.08 18.07
C VAL A 70 -13.27 20.76 16.83
N THR A 71 -12.44 21.48 16.06
CA THR A 71 -13.00 22.21 14.93
C THR A 71 -13.54 21.27 13.86
N ALA A 72 -12.89 20.12 13.67
CA ALA A 72 -13.46 19.12 12.77
C ALA A 72 -14.89 18.79 13.18
N GLY A 73 -15.07 18.34 14.43
CA GLY A 73 -16.41 18.07 14.92
C GLY A 73 -17.35 19.25 14.72
N LEU A 74 -16.85 20.46 14.92
CA LEU A 74 -17.71 21.61 14.70
C LEU A 74 -18.11 21.78 13.25
N ALA A 75 -17.38 21.16 12.32
CA ALA A 75 -17.80 21.21 10.93
C ALA A 75 -18.88 20.17 10.65
N ILE A 76 -18.74 18.99 11.23
CA ILE A 76 -19.84 18.04 11.19
C ILE A 76 -21.07 18.65 11.85
N TYR A 77 -20.90 19.27 13.03
CA TYR A 77 -22.02 19.96 13.66
C TYR A 77 -22.64 20.94 12.68
N ASP A 78 -21.89 21.98 12.31
CA ASP A 78 -22.42 23.01 11.42
C ASP A 78 -23.13 22.42 10.21
N THR A 79 -22.57 21.37 9.61
CA THR A 79 -23.24 20.83 8.43
C THR A 79 -24.59 20.22 8.80
N MET A 80 -24.63 19.37 9.83
CA MET A 80 -25.90 18.88 10.36
C MET A 80 -26.95 19.97 10.43
N GLN A 81 -26.63 21.05 11.15
CA GLN A 81 -27.62 22.09 11.33
C GLN A 81 -27.98 22.75 10.00
N TYR A 82 -27.10 22.66 9.01
CA TYR A 82 -27.34 23.34 7.75
C TYR A 82 -28.40 22.62 6.91
N ILE A 83 -28.28 21.28 6.77
CA ILE A 83 -29.10 20.55 5.80
C ILE A 83 -30.56 20.49 6.22
N LEU A 84 -31.43 20.44 5.21
CA LEU A 84 -32.87 20.45 5.41
C LEU A 84 -33.37 19.18 6.09
N ASN A 85 -32.58 18.07 6.08
CA ASN A 85 -33.07 16.72 6.36
C ASN A 85 -33.11 16.47 7.85
N PRO A 86 -34.09 15.72 8.34
CA PRO A 86 -34.05 15.28 9.74
C PRO A 86 -32.84 14.40 9.92
N ILE A 87 -32.29 14.37 11.14
CA ILE A 87 -31.15 13.51 11.39
C ILE A 87 -31.42 12.72 12.66
N CYS A 88 -31.47 11.39 12.51
CA CYS A 88 -31.54 10.47 13.63
C CYS A 88 -30.13 10.10 14.03
N THR A 89 -29.74 10.44 15.24
CA THR A 89 -28.43 10.11 15.74
C THR A 89 -28.55 8.89 16.64
N TRP A 90 -27.65 7.93 16.43
CA TRP A 90 -27.66 6.60 17.05
C TRP A 90 -26.28 6.31 17.64
N CYS A 91 -26.20 6.22 18.98
CA CYS A 91 -24.94 5.95 19.67
C CYS A 91 -24.82 4.48 20.07
N VAL A 92 -23.79 3.82 19.59
CA VAL A 92 -23.43 2.49 20.05
C VAL A 92 -21.98 2.57 20.47
N GLY A 93 -21.64 1.88 21.55
CA GLY A 93 -20.26 1.90 22.06
C GLY A 93 -19.94 3.07 22.98
N GLN A 94 -19.78 4.25 22.39
CA GLN A 94 -19.61 5.43 23.20
C GLN A 94 -19.65 6.65 22.30
N ALA A 95 -20.04 7.77 22.90
CA ALA A 95 -19.91 9.08 22.28
C ALA A 95 -19.24 9.95 23.33
N ALA A 96 -17.91 10.03 23.26
CA ALA A 96 -17.15 10.80 24.22
C ALA A 96 -16.76 12.13 23.58
N SER A 97 -16.64 13.16 24.42
CA SER A 97 -16.22 14.48 23.95
C SER A 97 -17.06 14.85 22.72
N MET A 98 -16.46 15.44 21.68
CA MET A 98 -17.15 15.86 20.47
C MET A 98 -18.17 14.84 19.95
N GLY A 99 -17.93 13.56 20.23
CA GLY A 99 -18.85 12.53 19.82
C GLY A 99 -20.25 12.76 20.36
N SER A 100 -20.39 12.80 21.69
CA SER A 100 -21.67 13.15 22.31
C SER A 100 -22.13 14.56 21.93
N LEU A 101 -21.27 15.41 21.39
CA LEU A 101 -21.76 16.67 20.86
C LEU A 101 -22.63 16.40 19.63
N LEU A 102 -22.07 15.73 18.62
CA LEU A 102 -22.82 15.30 17.44
C LEU A 102 -24.07 14.50 17.82
N LEU A 103 -23.92 13.55 18.76
CA LEU A 103 -25.05 12.76 19.28
C LEU A 103 -26.20 13.65 19.74
N ALA A 104 -25.90 14.65 20.54
CA ALA A 104 -26.96 15.47 21.09
C ALA A 104 -27.40 16.54 20.12
N ALA A 105 -26.75 16.63 18.97
CA ALA A 105 -27.11 17.62 17.97
C ALA A 105 -28.02 17.05 16.88
N GLY A 106 -28.59 15.85 17.11
CA GLY A 106 -29.57 15.29 16.19
C GLY A 106 -30.89 16.04 16.23
N THR A 107 -31.78 15.67 15.31
CA THR A 107 -33.14 16.19 15.32
C THR A 107 -33.74 15.88 16.67
N PRO A 108 -34.41 16.84 17.31
CA PRO A 108 -35.14 16.54 18.55
C PRO A 108 -36.01 15.30 18.40
N GLY A 109 -36.10 14.51 19.46
CA GLY A 109 -36.87 13.31 19.42
C GLY A 109 -36.21 12.16 18.71
N MET A 110 -35.27 12.41 17.81
CA MET A 110 -34.65 11.32 17.09
C MET A 110 -33.21 11.01 17.57
N ARG A 111 -32.87 11.33 18.80
CA ARG A 111 -31.52 11.06 19.30
C ARG A 111 -31.56 9.78 20.15
N HIS A 112 -30.89 8.71 19.68
CA HIS A 112 -30.97 7.41 20.31
C HIS A 112 -29.62 6.82 20.73
N SER A 113 -29.71 5.84 21.62
CA SER A 113 -28.60 5.03 22.09
C SER A 113 -29.08 3.60 22.27
N LEU A 114 -28.32 2.65 21.73
CA LEU A 114 -28.49 1.26 22.11
C LEU A 114 -28.07 1.13 23.57
N PRO A 115 -28.52 0.05 24.27
CA PRO A 115 -28.47 0.03 25.75
C PRO A 115 -27.12 0.30 26.44
N ASN A 116 -26.09 -0.49 26.13
CA ASN A 116 -24.84 -0.49 26.87
C ASN A 116 -23.84 0.56 26.39
N SER A 117 -24.28 1.58 25.66
CA SER A 117 -23.41 2.69 25.27
C SER A 117 -22.92 3.43 26.50
N ARG A 118 -21.77 4.13 26.34
CA ARG A 118 -21.26 5.06 27.35
C ARG A 118 -21.15 6.45 26.73
N ILE A 119 -21.68 7.46 27.42
CA ILE A 119 -21.74 8.81 26.88
C ILE A 119 -20.99 9.75 27.81
N MET A 120 -20.13 10.60 27.23
CA MET A 120 -19.35 11.56 27.99
C MET A 120 -19.35 12.90 27.29
N ILE A 121 -19.65 13.96 28.02
CA ILE A 121 -19.55 15.33 27.50
C ILE A 121 -18.41 16.08 28.12
N HIS A 122 -17.54 15.39 28.85
CA HIS A 122 -16.31 15.97 29.37
C HIS A 122 -15.28 15.99 28.24
N GLN A 123 -14.61 17.12 28.10
CA GLN A 123 -13.57 17.19 27.08
C GLN A 123 -12.27 16.58 27.63
N PRO A 124 -11.57 15.79 26.82
CA PRO A 124 -10.32 15.21 27.29
C PRO A 124 -9.26 16.29 27.30
N SER A 125 -8.30 16.14 28.21
CA SER A 125 -7.32 17.19 28.50
C SER A 125 -6.22 17.22 27.43
N ALA A 136 -1.63 23.58 17.59
CA ALA A 136 -1.48 24.16 18.95
C ALA A 136 -1.77 25.66 18.94
N ILE A 137 -2.44 26.14 19.99
CA ILE A 137 -2.98 27.50 20.00
C ILE A 137 -2.93 28.10 21.40
N GLN A 138 -3.38 29.35 21.50
CA GLN A 138 -3.36 30.18 22.70
C GLN A 138 -4.43 29.77 23.70
N ALA A 139 -4.34 30.36 24.91
CA ALA A 139 -5.30 30.07 25.97
C ALA A 139 -6.62 30.78 25.74
N GLU A 140 -6.58 32.06 25.32
CA GLU A 140 -7.81 32.78 25.02
C GLU A 140 -8.55 32.16 23.85
N GLU A 141 -7.82 31.68 22.83
CA GLU A 141 -8.47 30.87 21.80
C GLU A 141 -9.10 29.62 22.40
N ILE A 142 -8.30 28.77 23.03
CA ILE A 142 -8.78 27.51 23.58
C ILE A 142 -10.04 27.70 24.43
N MET A 143 -10.17 28.84 25.11
CA MET A 143 -11.42 29.09 25.84
C MET A 143 -12.52 29.51 24.90
N LYS A 144 -12.22 30.40 23.95
CA LYS A 144 -13.21 30.75 22.94
C LYS A 144 -13.85 29.49 22.36
N LEU A 145 -13.05 28.44 22.12
CA LEU A 145 -13.60 27.17 21.64
C LEU A 145 -14.48 26.52 22.70
N LYS A 146 -13.95 26.34 23.92
CA LYS A 146 -14.71 25.66 24.96
C LYS A 146 -16.04 26.35 25.24
N LYS A 147 -16.12 27.68 25.04
CA LYS A 147 -17.36 28.41 25.28
C LYS A 147 -18.35 28.14 24.16
N GLN A 148 -17.84 27.91 22.95
CA GLN A 148 -18.69 27.44 21.87
C GLN A 148 -19.36 26.13 22.24
N LEU A 149 -18.60 25.21 22.83
CA LEU A 149 -19.18 23.92 23.17
C LEU A 149 -20.23 24.06 24.25
N TYR A 150 -19.95 24.87 25.28
CA TYR A 150 -20.93 25.15 26.33
C TYR A 150 -22.26 25.60 25.74
N ASN A 151 -22.24 26.51 24.76
CA ASN A 151 -23.51 26.95 24.18
C ASN A 151 -24.20 25.82 23.44
N ILE A 152 -23.47 25.11 22.57
CA ILE A 152 -24.07 24.11 21.71
C ILE A 152 -24.70 23.00 22.52
N TYR A 153 -23.95 22.44 23.47
CA TYR A 153 -24.54 21.51 24.42
C TYR A 153 -25.76 22.10 25.12
N ALA A 154 -25.69 23.37 25.51
CA ALA A 154 -26.86 24.02 26.08
C ALA A 154 -28.01 24.00 25.08
N LYS A 155 -27.72 24.38 23.84
CA LYS A 155 -28.77 24.63 22.87
C LYS A 155 -29.66 23.40 22.68
N HIS A 156 -29.10 22.20 22.77
CA HIS A 156 -29.76 20.94 22.44
C HIS A 156 -30.22 20.15 23.65
N THR A 157 -29.48 20.18 24.74
CA THR A 157 -29.96 19.54 25.95
C THR A 157 -30.97 20.41 26.68
N LYS A 158 -31.09 21.68 26.30
CA LYS A 158 -31.96 22.65 26.96
C LYS A 158 -31.64 22.77 28.43
N GLN A 159 -30.42 22.40 28.80
CA GLN A 159 -29.88 22.75 30.10
C GLN A 159 -29.30 24.15 30.04
N SER A 160 -29.16 24.74 31.21
CA SER A 160 -28.65 26.09 31.30
C SER A 160 -27.13 26.09 31.30
N LEU A 161 -26.54 27.07 30.63
CA LEU A 161 -25.10 27.32 30.60
C LEU A 161 -24.38 26.85 31.86
N GLN A 162 -24.64 27.51 32.99
CA GLN A 162 -24.00 27.12 34.24
C GLN A 162 -24.07 25.63 34.47
N VAL A 163 -25.18 24.99 34.12
CA VAL A 163 -25.32 23.57 34.43
C VAL A 163 -24.46 22.73 33.51
N ILE A 164 -24.38 23.12 32.23
CA ILE A 164 -23.53 22.44 31.26
C ILE A 164 -22.07 22.55 31.67
N GLU A 165 -21.65 23.75 32.07
CA GLU A 165 -20.28 24.00 32.50
C GLU A 165 -19.90 23.11 33.68
N SER A 166 -20.70 23.14 34.74
CA SER A 166 -20.42 22.28 35.89
C SER A 166 -20.53 20.83 35.49
N ALA A 167 -21.53 20.51 34.67
CA ALA A 167 -21.67 19.16 34.13
C ALA A 167 -20.36 18.68 33.51
N MET A 168 -19.92 19.36 32.46
CA MET A 168 -18.74 18.97 31.70
C MET A 168 -17.48 18.94 32.55
N GLU A 169 -17.53 19.44 33.77
CA GLU A 169 -16.35 19.53 34.62
C GLU A 169 -16.03 18.20 35.29
N ARG A 170 -16.97 17.28 35.32
CA ARG A 170 -16.79 15.99 35.95
C ARG A 170 -16.26 15.02 34.89
N ASP A 171 -15.24 14.26 35.24
CA ASP A 171 -14.61 13.30 34.33
C ASP A 171 -15.20 11.93 34.65
N ARG A 172 -16.22 11.51 33.86
CA ARG A 172 -17.19 10.55 34.38
C ARG A 172 -17.72 9.43 33.47
N TYR A 173 -18.39 9.79 32.35
CA TYR A 173 -19.21 8.90 31.50
C TYR A 173 -20.58 8.61 32.12
N MET A 174 -21.67 9.03 31.48
CA MET A 174 -23.01 8.76 31.98
C MET A 174 -23.66 7.64 31.17
N SER A 175 -24.74 7.02 31.75
CA SER A 175 -25.38 5.88 31.11
C SER A 175 -26.43 6.36 30.14
N PRO A 176 -26.82 5.55 29.16
CA PRO A 176 -27.79 6.05 28.18
C PRO A 176 -29.06 6.53 28.84
N MET A 177 -29.40 6.02 30.02
CA MET A 177 -30.51 6.60 30.74
C MET A 177 -30.20 8.01 31.24
N GLU A 178 -29.12 8.17 32.00
CA GLU A 178 -28.67 9.49 32.44
C GLU A 178 -28.64 10.47 31.28
N ALA A 179 -27.95 10.11 30.20
CA ALA A 179 -27.83 10.96 29.03
C ALA A 179 -29.18 11.44 28.54
N GLN A 180 -30.19 10.56 28.57
CA GLN A 180 -31.56 10.95 28.25
C GLN A 180 -32.07 12.03 29.21
N GLU A 181 -32.11 11.71 30.51
CA GLU A 181 -32.55 12.71 31.51
C GLU A 181 -31.85 14.04 31.37
N PHE A 182 -30.56 14.04 31.05
CA PHE A 182 -29.80 15.26 30.97
C PHE A 182 -30.09 16.05 29.69
N GLY A 183 -30.75 15.46 28.71
CA GLY A 183 -31.05 16.14 27.48
C GLY A 183 -30.14 15.83 26.31
N ILE A 184 -29.39 14.74 26.36
CA ILE A 184 -28.44 14.45 25.29
C ILE A 184 -29.06 13.57 24.24
N LEU A 185 -29.99 12.71 24.66
CA LEU A 185 -30.69 11.85 23.73
C LEU A 185 -32.10 11.64 24.24
N ASP A 186 -32.92 11.08 23.38
CA ASP A 186 -34.34 10.99 23.65
C ASP A 186 -34.81 9.59 23.94
N LYS A 187 -34.28 8.60 23.24
CA LYS A 187 -34.80 7.24 23.30
C LYS A 187 -33.67 6.27 23.58
N VAL A 188 -33.78 5.50 24.65
CA VAL A 188 -32.84 4.41 24.91
C VAL A 188 -33.52 3.11 24.51
N LEU A 189 -33.16 2.53 23.38
CA LEU A 189 -33.92 1.39 22.90
C LEU A 189 -33.05 0.17 22.74
N VAL A 190 -33.69 -0.98 22.81
CA VAL A 190 -33.01 -2.26 22.82
C VAL A 190 -33.37 -3.13 21.60
N HIS A 191 -34.60 -2.96 21.10
CA HIS A 191 -35.09 -3.59 19.88
C HIS A 191 -35.85 -2.56 19.07
N PRO A 192 -36.23 -2.90 17.85
CA PRO A 192 -36.96 -1.95 17.00
C PRO A 192 -38.40 -1.74 17.50
N PRO A 193 -39.28 -1.05 16.73
CA PRO A 193 -40.34 -0.42 17.54
C PRO A 193 -41.48 -1.37 17.95
N LEU B 2 -11.09 5.09 4.07
CA LEU B 2 -11.91 4.49 3.02
C LEU B 2 -12.89 5.51 2.46
N ILE B 3 -13.09 5.48 1.14
CA ILE B 3 -13.95 6.44 0.46
C ILE B 3 -15.10 5.64 -0.14
N PRO B 4 -16.34 6.17 -0.20
CA PRO B 4 -17.47 5.38 -0.69
C PRO B 4 -17.91 5.69 -2.12
N ILE B 5 -18.96 5.01 -2.59
CA ILE B 5 -19.45 5.06 -3.96
C ILE B 5 -20.92 5.50 -4.00
N VAL B 6 -21.24 6.39 -4.94
CA VAL B 6 -22.58 6.93 -5.08
C VAL B 6 -23.04 6.68 -6.51
N VAL B 7 -24.34 6.81 -6.76
CA VAL B 7 -24.89 6.57 -8.12
C VAL B 7 -25.78 7.70 -8.67
N ALA B 16 -22.43 6.25 -11.49
CA ALA B 16 -21.46 5.41 -10.77
C ALA B 16 -20.11 6.12 -10.44
N TYR B 17 -19.95 6.59 -9.20
CA TYR B 17 -18.98 7.63 -8.86
C TYR B 17 -18.46 7.40 -7.44
N ASP B 18 -17.23 7.82 -7.17
CA ASP B 18 -16.90 7.94 -5.76
C ASP B 18 -17.35 9.31 -5.29
N ILE B 19 -17.47 9.46 -3.96
CA ILE B 19 -18.14 10.65 -3.43
C ILE B 19 -17.34 11.92 -3.66
N TYR B 20 -16.00 11.83 -3.63
CA TYR B 20 -15.23 13.04 -3.91
C TYR B 20 -15.24 13.36 -5.39
N SER B 21 -15.11 12.35 -6.25
CA SER B 21 -15.32 12.60 -7.66
C SER B 21 -16.70 13.14 -7.93
N ARG B 22 -17.69 12.71 -7.14
CA ARG B 22 -19.04 13.20 -7.33
C ARG B 22 -19.12 14.67 -6.96
N LEU B 23 -18.51 15.06 -5.85
CA LEU B 23 -18.48 16.48 -5.48
C LEU B 23 -17.93 17.32 -6.61
N LEU B 24 -17.02 16.77 -7.42
CA LEU B 24 -16.47 17.54 -8.52
C LEU B 24 -17.51 17.79 -9.60
N ARG B 25 -18.49 16.87 -9.76
CA ARG B 25 -19.55 17.09 -10.73
C ARG B 25 -20.40 18.30 -10.41
N GLU B 26 -20.50 18.65 -9.12
CA GLU B 26 -21.16 19.87 -8.68
C GLU B 26 -20.24 21.07 -8.72
N ARG B 27 -19.04 20.93 -9.30
CA ARG B 27 -18.09 22.02 -9.33
C ARG B 27 -17.69 22.41 -7.91
N ILE B 28 -17.50 21.41 -7.04
CA ILE B 28 -17.00 21.63 -5.69
C ILE B 28 -15.55 21.15 -5.62
N VAL B 29 -14.63 22.12 -5.46
CA VAL B 29 -13.21 21.86 -5.24
C VAL B 29 -12.94 21.95 -3.74
N CYS B 30 -12.28 20.92 -3.18
CA CYS B 30 -12.13 20.75 -1.74
C CYS B 30 -10.71 21.05 -1.27
N VAL B 31 -10.52 22.18 -0.58
CA VAL B 31 -9.23 22.46 0.05
C VAL B 31 -9.35 22.05 1.52
N MET B 32 -9.16 20.77 1.79
CA MET B 32 -9.11 20.25 3.14
C MET B 32 -7.65 20.06 3.53
N GLY B 33 -7.39 20.20 4.83
CA GLY B 33 -6.10 19.87 5.35
C GLY B 33 -5.05 20.86 4.93
N PRO B 34 -3.80 20.60 5.29
CA PRO B 34 -2.72 21.55 5.02
C PRO B 34 -2.47 21.69 3.54
N ILE B 35 -1.75 22.73 3.16
CA ILE B 35 -1.59 23.05 1.74
C ILE B 35 -0.12 22.92 1.39
N ASP B 36 0.22 21.89 0.62
CA ASP B 36 1.54 21.69 0.09
C ASP B 36 1.50 21.70 -1.43
N ASP B 37 2.67 21.60 -2.05
CA ASP B 37 2.70 21.72 -3.52
C ASP B 37 1.74 20.74 -4.19
N SER B 38 1.52 19.57 -3.59
CA SER B 38 0.68 18.58 -4.26
C SER B 38 -0.79 18.94 -4.15
N VAL B 39 -1.23 19.38 -2.96
CA VAL B 39 -2.61 19.85 -2.83
C VAL B 39 -2.86 21.03 -3.76
N ALA B 40 -1.84 21.88 -3.94
CA ALA B 40 -1.94 22.95 -4.91
C ALA B 40 -2.08 22.41 -6.33
N SER B 41 -1.26 21.40 -6.67
CA SER B 41 -1.34 20.80 -7.99
C SER B 41 -2.71 20.21 -8.24
N LEU B 42 -3.31 19.56 -7.23
CA LEU B 42 -4.60 18.91 -7.44
C LEU B 42 -5.71 19.95 -7.57
N VAL B 43 -5.68 20.96 -6.70
CA VAL B 43 -6.64 22.08 -6.75
C VAL B 43 -6.57 22.81 -8.09
N ILE B 44 -5.39 23.33 -8.43
CA ILE B 44 -5.26 24.06 -9.70
C ILE B 44 -5.70 23.16 -10.86
N ALA B 45 -5.38 21.88 -10.80
CA ALA B 45 -5.83 20.98 -11.84
C ALA B 45 -7.35 20.94 -11.88
N GLN B 46 -7.97 20.92 -10.70
CA GLN B 46 -9.44 20.93 -10.61
C GLN B 46 -10.04 22.27 -11.06
N LEU B 47 -9.36 23.38 -10.78
CA LEU B 47 -9.90 24.67 -11.20
C LEU B 47 -9.81 24.85 -12.70
N LEU B 48 -8.68 24.47 -13.30
CA LEU B 48 -8.58 24.59 -14.75
C LEU B 48 -9.67 23.80 -15.42
N PHE B 49 -9.90 22.59 -14.92
CA PHE B 49 -10.85 21.70 -15.56
C PHE B 49 -12.25 22.30 -15.55
N LEU B 50 -12.73 22.64 -14.37
CA LEU B 50 -14.06 23.21 -14.25
C LEU B 50 -14.22 24.41 -15.18
N GLN B 51 -13.17 25.18 -15.41
CA GLN B 51 -13.32 26.36 -16.23
C GLN B 51 -13.56 26.00 -17.68
N SER B 52 -12.94 24.91 -18.12
CA SER B 52 -13.09 24.44 -19.50
C SER B 52 -14.46 23.87 -19.74
N GLU B 53 -15.02 23.22 -18.73
CA GLU B 53 -16.45 22.94 -18.68
C GLU B 53 -17.23 24.23 -18.92
N SER B 54 -17.05 25.23 -18.05
CA SER B 54 -17.73 26.50 -18.23
C SER B 54 -16.86 27.66 -17.78
N ASN B 55 -16.97 28.76 -18.52
CA ASN B 55 -16.23 29.97 -18.18
C ASN B 55 -16.93 30.71 -17.07
N LYS B 56 -18.25 30.55 -16.96
CA LYS B 56 -19.09 31.44 -16.18
C LYS B 56 -19.88 30.72 -15.09
N LYS B 57 -20.00 29.41 -15.17
CA LYS B 57 -20.70 28.67 -14.15
C LYS B 57 -19.91 28.79 -12.86
N PRO B 58 -20.53 29.22 -11.77
CA PRO B 58 -19.82 29.39 -10.49
C PRO B 58 -19.12 28.14 -9.99
N ILE B 59 -17.95 28.33 -9.36
CA ILE B 59 -17.14 27.26 -8.75
C ILE B 59 -17.10 27.45 -7.24
N HIS B 60 -17.33 26.36 -6.48
CA HIS B 60 -17.35 26.39 -5.01
C HIS B 60 -16.12 25.73 -4.40
N MET B 61 -15.48 26.45 -3.50
CA MET B 61 -14.19 26.08 -2.93
C MET B 61 -14.43 25.90 -1.42
N TYR B 62 -14.51 24.65 -0.97
CA TYR B 62 -14.71 24.36 0.45
C TYR B 62 -13.37 24.40 1.15
N ILE B 63 -13.21 25.36 2.06
CA ILE B 63 -11.96 25.57 2.78
C ILE B 63 -12.18 25.21 4.25
N ASN B 64 -11.51 24.13 4.69
CA ASN B 64 -11.31 23.76 6.09
C ASN B 64 -9.83 23.38 6.25
N SER B 65 -8.95 24.39 6.24
CA SER B 65 -7.51 24.17 6.17
C SER B 65 -6.85 24.92 7.32
N PRO B 66 -5.83 24.35 7.92
CA PRO B 66 -5.09 25.07 8.97
C PRO B 66 -3.88 25.86 8.47
N GLY B 67 -3.79 26.11 7.18
CA GLY B 67 -2.66 26.81 6.62
C GLY B 67 -1.81 25.86 5.80
N GLY B 68 -0.65 26.37 5.35
CA GLY B 68 0.27 25.53 4.60
C GLY B 68 1.54 26.16 4.08
N VAL B 69 2.00 25.69 2.93
CA VAL B 69 3.17 26.27 2.28
C VAL B 69 2.73 27.52 1.53
N VAL B 70 3.42 28.62 1.79
CA VAL B 70 3.01 29.91 1.25
C VAL B 70 3.07 29.90 -0.28
N THR B 71 4.17 29.38 -0.83
CA THR B 71 4.31 29.31 -2.29
C THR B 71 3.31 28.35 -2.91
N ALA B 72 3.02 27.23 -2.25
CA ALA B 72 1.89 26.41 -2.70
C ALA B 72 0.59 27.21 -2.68
N GLY B 73 0.36 27.96 -1.61
CA GLY B 73 -0.88 28.70 -1.52
C GLY B 73 -1.00 29.77 -2.58
N LEU B 74 0.01 30.68 -2.63
CA LEU B 74 0.01 31.77 -3.61
C LEU B 74 -0.32 31.30 -5.02
N ALA B 75 -0.05 30.03 -5.31
CA ALA B 75 -0.33 29.47 -6.62
C ALA B 75 -1.83 29.24 -6.79
N ILE B 76 -2.43 28.51 -5.85
CA ILE B 76 -3.89 28.39 -5.82
C ILE B 76 -4.53 29.77 -5.84
N TYR B 77 -3.97 30.72 -5.09
CA TYR B 77 -4.50 32.08 -5.18
C TYR B 77 -4.41 32.60 -6.61
N ASP B 78 -3.25 32.45 -7.26
CA ASP B 78 -3.05 33.04 -8.59
C ASP B 78 -3.99 32.44 -9.61
N THR B 79 -4.25 31.15 -9.49
CA THR B 79 -5.18 30.47 -10.39
C THR B 79 -6.59 31.05 -10.25
N MET B 80 -7.06 31.21 -8.99
CA MET B 80 -8.35 31.83 -8.70
C MET B 80 -8.49 33.18 -9.40
N GLN B 81 -7.51 34.05 -9.20
CA GLN B 81 -7.42 35.27 -9.98
C GLN B 81 -7.57 34.96 -11.46
N TYR B 82 -6.86 33.94 -11.95
CA TYR B 82 -6.73 33.73 -13.39
C TYR B 82 -8.06 33.32 -14.03
N ILE B 83 -8.75 32.33 -13.47
CA ILE B 83 -9.90 31.77 -14.16
C ILE B 83 -11.04 32.78 -14.18
N LEU B 84 -11.78 32.80 -15.28
CA LEU B 84 -12.85 33.76 -15.47
C LEU B 84 -14.08 33.43 -14.66
N ASN B 85 -14.04 32.33 -13.92
CA ASN B 85 -15.25 31.94 -13.22
C ASN B 85 -15.49 32.79 -11.99
N PRO B 86 -16.75 32.91 -11.61
CA PRO B 86 -17.06 33.30 -10.25
C PRO B 86 -16.71 32.14 -9.34
N ILE B 87 -16.21 32.48 -8.14
CA ILE B 87 -15.77 31.51 -7.16
C ILE B 87 -16.47 31.82 -5.88
N CYS B 88 -17.18 30.85 -5.33
CA CYS B 88 -17.71 30.94 -3.98
C CYS B 88 -16.77 30.23 -3.03
N THR B 89 -16.16 30.96 -2.12
CA THR B 89 -15.42 30.30 -1.06
C THR B 89 -16.37 30.00 0.09
N TRP B 90 -16.15 28.86 0.72
CA TRP B 90 -16.84 28.47 1.93
C TRP B 90 -15.82 28.00 2.95
N CYS B 91 -15.97 28.44 4.19
CA CYS B 91 -15.09 28.09 5.30
C CYS B 91 -15.82 27.28 6.34
N VAL B 92 -15.37 26.04 6.58
CA VAL B 92 -15.92 25.23 7.65
C VAL B 92 -14.78 24.76 8.53
N GLY B 93 -15.09 24.47 9.79
CA GLY B 93 -14.05 24.07 10.72
C GLY B 93 -13.15 25.23 11.08
N GLN B 94 -12.35 25.68 10.11
CA GLN B 94 -11.41 26.78 10.33
C GLN B 94 -10.74 27.13 9.01
N ALA B 95 -10.29 28.38 8.89
CA ALA B 95 -9.45 28.77 7.77
C ALA B 95 -8.28 29.59 8.32
N ALA B 96 -7.13 28.94 8.51
CA ALA B 96 -5.99 29.54 9.18
C ALA B 96 -4.81 29.73 8.23
N SER B 97 -4.06 30.80 8.45
CA SER B 97 -2.82 31.11 7.70
C SER B 97 -3.24 31.18 6.24
N MET B 98 -2.53 30.50 5.32
CA MET B 98 -2.83 30.51 3.90
C MET B 98 -4.28 30.23 3.56
N GLY B 99 -4.98 29.47 4.41
CA GLY B 99 -6.35 29.09 4.11
C GLY B 99 -7.30 30.28 4.15
N SER B 100 -7.23 31.07 5.21
CA SER B 100 -7.96 32.33 5.24
C SER B 100 -7.63 33.21 4.04
N LEU B 101 -6.37 33.19 3.58
CA LEU B 101 -6.03 33.98 2.40
C LEU B 101 -6.82 33.51 1.18
N LEU B 102 -7.04 32.20 1.06
CA LEU B 102 -7.86 31.70 -0.04
C LEU B 102 -9.31 32.11 0.14
N LEU B 103 -9.85 31.90 1.35
CA LEU B 103 -11.21 32.30 1.67
C LEU B 103 -11.44 33.75 1.29
N ALA B 104 -10.53 34.62 1.72
CA ALA B 104 -10.71 36.04 1.47
C ALA B 104 -10.69 36.36 -0.01
N ALA B 105 -10.16 35.46 -0.83
CA ALA B 105 -9.89 35.75 -2.23
C ALA B 105 -11.00 35.30 -3.15
N GLY B 106 -12.03 34.64 -2.61
CA GLY B 106 -13.23 34.33 -3.40
C GLY B 106 -13.90 35.58 -3.93
N THR B 107 -14.91 35.36 -4.76
CA THR B 107 -15.55 36.48 -5.48
C THR B 107 -16.36 37.36 -4.54
N PRO B 108 -16.23 38.68 -4.64
CA PRO B 108 -16.88 39.58 -3.71
C PRO B 108 -18.38 39.33 -3.60
N GLY B 109 -18.86 39.28 -2.38
CA GLY B 109 -20.21 38.86 -2.12
C GLY B 109 -20.42 37.37 -2.19
N MET B 110 -19.36 36.57 -2.32
CA MET B 110 -19.55 35.12 -2.37
C MET B 110 -18.61 34.39 -1.42
N ARG B 111 -18.07 35.07 -0.43
CA ARG B 111 -17.22 34.43 0.58
C ARG B 111 -18.07 34.17 1.81
N HIS B 112 -18.39 32.89 2.05
CA HIS B 112 -19.31 32.50 3.11
C HIS B 112 -18.55 31.79 4.22
N SER B 113 -19.21 31.62 5.37
CA SER B 113 -18.66 30.82 6.46
C SER B 113 -19.79 30.26 7.31
N LEU B 114 -19.66 29.00 7.69
CA LEU B 114 -20.62 28.40 8.58
C LEU B 114 -20.40 28.89 10.00
N PRO B 115 -21.44 28.79 10.86
CA PRO B 115 -21.48 29.66 12.06
C PRO B 115 -20.39 29.41 13.08
N ASN B 116 -19.89 28.18 13.23
CA ASN B 116 -18.96 27.87 14.31
C ASN B 116 -17.50 27.78 13.84
N SER B 117 -17.15 28.41 12.71
CA SER B 117 -15.79 28.31 12.22
C SER B 117 -14.85 29.20 13.04
N ARG B 118 -13.56 28.98 12.86
CA ARG B 118 -12.52 29.90 13.34
C ARG B 118 -11.76 30.42 12.13
N ILE B 119 -11.51 31.72 12.08
CA ILE B 119 -10.74 32.32 11.00
C ILE B 119 -9.53 33.04 11.59
N MET B 120 -8.35 32.71 11.07
CA MET B 120 -7.09 33.32 11.53
C MET B 120 -6.24 33.75 10.35
N ILE B 121 -5.94 35.07 10.26
CA ILE B 121 -5.03 35.60 9.25
C ILE B 121 -3.61 35.76 9.75
N HIS B 122 -3.39 35.62 11.05
CA HIS B 122 -2.04 35.62 11.59
C HIS B 122 -1.22 34.50 10.97
N GLN B 123 0.12 34.82 10.71
CA GLN B 123 0.88 33.73 10.11
C GLN B 123 1.65 32.97 11.18
N PRO B 124 1.92 31.67 10.97
CA PRO B 124 2.53 30.87 12.03
C PRO B 124 4.04 30.97 12.06
N SER B 125 4.68 30.16 12.89
CA SER B 125 6.08 30.40 13.20
C SER B 125 7.02 29.63 12.29
N ALA B 132 6.85 28.58 1.21
CA ALA B 132 7.25 28.82 2.60
C ALA B 132 8.32 27.85 3.04
N THR B 133 7.84 26.66 3.36
CA THR B 133 8.60 25.69 4.12
C THR B 133 9.34 24.71 3.21
N ASP B 134 9.23 24.89 1.89
CA ASP B 134 9.83 24.01 0.87
C ASP B 134 11.30 23.76 1.03
N ILE B 135 12.08 24.73 0.58
CA ILE B 135 13.52 24.77 0.78
C ILE B 135 13.81 25.79 1.87
N ALA B 136 15.05 25.77 2.38
CA ALA B 136 15.45 26.80 3.34
C ALA B 136 15.59 28.14 2.64
N ILE B 137 15.23 29.22 3.36
CA ILE B 137 15.17 30.52 2.73
C ILE B 137 15.64 31.62 3.66
N GLN B 138 16.09 32.71 3.05
CA GLN B 138 16.75 33.84 3.69
C GLN B 138 15.75 34.81 4.30
N ALA B 139 16.21 35.54 5.33
CA ALA B 139 15.40 36.59 5.94
C ALA B 139 14.80 37.53 4.91
N GLU B 140 15.61 37.97 3.94
CA GLU B 140 15.10 38.94 2.97
C GLU B 140 14.03 38.33 2.09
N GLU B 141 14.02 37.01 1.92
CA GLU B 141 12.96 36.36 1.17
C GLU B 141 11.70 36.16 2.00
N ILE B 142 11.83 35.72 3.25
CA ILE B 142 10.66 35.50 4.08
C ILE B 142 9.88 36.80 4.23
N MET B 143 10.58 37.92 4.38
CA MET B 143 9.87 39.18 4.45
C MET B 143 9.15 39.47 3.14
N LYS B 144 9.82 39.27 2.01
CA LYS B 144 9.19 39.50 0.70
C LYS B 144 7.82 38.85 0.65
N LEU B 145 7.74 37.61 1.13
CA LEU B 145 6.48 36.87 1.10
C LEU B 145 5.43 37.58 1.92
N LYS B 146 5.64 37.68 3.23
CA LYS B 146 4.76 38.40 4.14
C LYS B 146 4.22 39.69 3.53
N LYS B 147 5.09 40.47 2.88
CA LYS B 147 4.66 41.69 2.22
C LYS B 147 3.68 41.41 1.09
N GLN B 148 3.81 40.24 0.44
CA GLN B 148 2.81 39.86 -0.56
C GLN B 148 1.51 39.49 0.10
N LEU B 149 1.57 38.82 1.24
CA LEU B 149 0.34 38.49 1.96
C LEU B 149 -0.35 39.77 2.40
N TYR B 150 0.41 40.73 2.90
CA TYR B 150 -0.12 42.05 3.22
C TYR B 150 -0.88 42.67 2.03
N ASN B 151 -0.35 42.50 0.82
CA ASN B 151 -1.01 43.11 -0.33
C ASN B 151 -2.27 42.36 -0.68
N ILE B 152 -2.14 41.07 -0.92
CA ILE B 152 -3.30 40.22 -1.20
C ILE B 152 -4.38 40.48 -0.17
N TYR B 153 -4.08 40.25 1.09
CA TYR B 153 -5.05 40.50 2.15
C TYR B 153 -5.62 41.91 2.12
N ALA B 154 -4.75 42.93 2.09
CA ALA B 154 -5.24 44.29 2.06
C ALA B 154 -6.05 44.54 0.81
N LYS B 155 -5.60 43.98 -0.33
CA LYS B 155 -6.32 44.11 -1.58
C LYS B 155 -7.73 43.53 -1.49
N HIS B 156 -7.89 42.43 -0.79
CA HIS B 156 -9.14 41.69 -0.76
C HIS B 156 -9.99 41.97 0.46
N THR B 157 -9.53 42.83 1.37
CA THR B 157 -10.35 43.23 2.51
C THR B 157 -10.65 44.72 2.56
N LYS B 158 -10.27 45.48 1.54
CA LYS B 158 -10.48 46.92 1.50
C LYS B 158 -9.85 47.63 2.71
N GLN B 159 -9.04 46.91 3.47
CA GLN B 159 -8.24 47.48 4.54
C GLN B 159 -6.90 47.96 4.00
N SER B 160 -6.26 48.81 4.79
CA SER B 160 -4.95 49.35 4.48
C SER B 160 -3.87 48.38 4.92
N LEU B 161 -2.71 48.51 4.28
CA LEU B 161 -1.52 47.81 4.74
C LEU B 161 -1.30 48.01 6.23
N GLN B 162 -1.54 49.23 6.73
CA GLN B 162 -1.42 49.49 8.15
C GLN B 162 -2.35 48.59 8.95
N VAL B 163 -3.60 48.44 8.48
CA VAL B 163 -4.57 47.69 9.27
C VAL B 163 -4.28 46.20 9.18
N ILE B 164 -3.82 45.74 8.02
CA ILE B 164 -3.52 44.33 7.82
C ILE B 164 -2.29 43.91 8.61
N GLU B 165 -1.23 44.71 8.57
CA GLU B 165 0.02 44.31 9.23
C GLU B 165 -0.17 44.22 10.73
N SER B 166 -0.99 45.10 11.32
CA SER B 166 -1.26 45.00 12.75
C SER B 166 -2.09 43.76 13.06
N ALA B 167 -3.23 43.61 12.40
CA ALA B 167 -4.08 42.47 12.68
C ALA B 167 -3.33 41.16 12.52
N MET B 168 -2.53 41.02 11.45
CA MET B 168 -1.73 39.81 11.26
C MET B 168 -0.66 39.62 12.32
N GLU B 169 -0.49 40.59 13.20
CA GLU B 169 0.45 40.46 14.29
C GLU B 169 -0.17 39.82 15.52
N ARG B 170 -1.49 39.91 15.67
CA ARG B 170 -2.17 39.34 16.82
C ARG B 170 -2.32 37.84 16.61
N ASP B 171 -1.97 37.06 17.65
CA ASP B 171 -1.91 35.61 17.53
C ASP B 171 -3.24 35.05 17.99
N ARG B 172 -4.25 35.20 17.14
CA ARG B 172 -5.60 34.90 17.60
C ARG B 172 -6.47 34.48 16.41
N TYR B 173 -7.67 33.98 16.75
CA TYR B 173 -8.67 33.60 15.76
C TYR B 173 -9.84 34.57 15.79
N MET B 174 -10.52 34.67 14.65
CA MET B 174 -11.72 35.47 14.47
C MET B 174 -12.98 34.61 14.34
N SER B 175 -14.11 35.07 14.95
CA SER B 175 -15.42 34.49 14.70
C SER B 175 -15.91 34.91 13.32
N PRO B 176 -16.74 34.09 12.68
CA PRO B 176 -17.16 34.44 11.31
C PRO B 176 -17.78 35.83 11.20
N MET B 177 -18.58 36.24 12.19
CA MET B 177 -19.14 37.58 12.10
C MET B 177 -18.09 38.63 12.32
N GLU B 178 -17.04 38.30 13.07
CA GLU B 178 -15.91 39.21 13.15
C GLU B 178 -15.13 39.23 11.83
N ALA B 179 -14.78 38.04 11.31
CA ALA B 179 -14.18 37.94 9.99
C ALA B 179 -15.03 38.62 8.92
N GLN B 180 -16.35 38.57 9.05
CA GLN B 180 -17.20 39.31 8.12
C GLN B 180 -16.94 40.81 8.21
N GLU B 181 -16.98 41.37 9.42
CA GLU B 181 -16.84 42.82 9.55
C GLU B 181 -15.45 43.29 9.25
N PHE B 182 -14.48 42.40 9.11
CA PHE B 182 -13.15 42.87 8.78
C PHE B 182 -12.94 42.92 7.27
N GLY B 183 -13.39 41.91 6.55
CA GLY B 183 -13.28 41.93 5.10
C GLY B 183 -12.86 40.60 4.53
N ILE B 184 -12.83 39.58 5.37
CA ILE B 184 -12.40 38.30 4.87
C ILE B 184 -13.55 37.59 4.17
N LEU B 185 -14.78 37.80 4.63
CA LEU B 185 -15.90 37.09 4.06
C LEU B 185 -17.13 37.99 4.04
N ASP B 186 -18.13 37.60 3.25
CA ASP B 186 -19.32 38.38 2.98
C ASP B 186 -20.55 37.91 3.76
N LYS B 187 -20.79 36.61 3.86
CA LYS B 187 -22.01 36.09 4.47
C LYS B 187 -21.67 35.14 5.59
N VAL B 188 -22.63 34.90 6.48
CA VAL B 188 -22.46 33.87 7.52
C VAL B 188 -23.74 33.05 7.58
N LEU B 189 -23.82 31.93 6.86
CA LEU B 189 -25.09 31.24 6.69
C LEU B 189 -25.27 30.21 7.78
N VAL B 190 -26.52 29.95 8.14
CA VAL B 190 -26.86 28.90 9.09
C VAL B 190 -27.57 27.74 8.40
N HIS B 191 -28.51 28.05 7.51
CA HIS B 191 -29.19 27.16 6.57
C HIS B 191 -29.00 27.76 5.19
N PRO B 192 -29.39 27.07 4.13
CA PRO B 192 -29.44 27.75 2.82
C PRO B 192 -30.34 28.97 2.88
N PRO B 193 -29.87 30.14 2.38
CA PRO B 193 -30.65 31.37 2.43
C PRO B 193 -31.86 31.32 1.49
N LEU C 2 -6.06 10.97 -2.93
CA LEU C 2 -7.26 10.56 -3.67
C LEU C 2 -7.45 11.50 -4.86
N ILE C 3 -6.99 11.07 -6.03
CA ILE C 3 -7.08 11.90 -7.24
C ILE C 3 -8.47 11.76 -7.86
N PRO C 4 -9.19 12.85 -8.13
CA PRO C 4 -10.55 12.73 -8.65
C PRO C 4 -10.62 12.29 -10.11
N ILE C 5 -11.84 11.89 -10.50
CA ILE C 5 -12.17 11.40 -11.83
C ILE C 5 -13.13 12.36 -12.51
N VAL C 6 -12.89 12.61 -13.81
CA VAL C 6 -13.76 13.41 -14.67
C VAL C 6 -14.12 12.56 -15.88
N VAL C 7 -15.31 12.79 -16.43
CA VAL C 7 -15.79 11.98 -17.52
C VAL C 7 -16.11 12.77 -18.75
N GLU C 8 -15.68 12.27 -19.89
CA GLU C 8 -15.93 12.96 -21.14
C GLU C 8 -16.44 12.02 -22.22
N GLU C 14 -18.83 9.62 -21.33
CA GLU C 14 -18.04 9.34 -22.51
C GLU C 14 -16.80 8.54 -22.20
N ARG C 15 -15.89 9.03 -21.37
CA ARG C 15 -14.74 8.19 -21.10
C ARG C 15 -14.05 8.65 -19.82
N ALA C 16 -13.71 7.68 -18.96
CA ALA C 16 -13.28 7.98 -17.59
C ALA C 16 -11.79 8.30 -17.54
N TYR C 17 -11.47 9.44 -16.94
CA TYR C 17 -10.13 10.00 -16.95
C TYR C 17 -9.86 10.50 -15.53
N ASP C 18 -8.69 10.19 -14.98
CA ASP C 18 -8.25 10.88 -13.77
C ASP C 18 -7.68 12.25 -14.14
N ILE C 19 -7.83 13.22 -13.24
CA ILE C 19 -7.65 14.61 -13.66
C ILE C 19 -6.25 14.86 -14.20
N TYR C 20 -5.25 14.06 -13.80
CA TYR C 20 -3.92 14.24 -14.38
C TYR C 20 -3.83 13.57 -15.75
N SER C 21 -4.47 12.41 -15.90
CA SER C 21 -4.65 11.88 -17.25
C SER C 21 -5.31 12.93 -18.12
N ARG C 22 -6.36 13.56 -17.59
CA ARG C 22 -7.09 14.55 -18.36
C ARG C 22 -6.22 15.76 -18.70
N LEU C 23 -5.35 16.19 -17.78
CA LEU C 23 -4.40 17.25 -18.08
C LEU C 23 -3.54 16.91 -19.28
N LEU C 24 -3.10 15.65 -19.38
CA LEU C 24 -2.18 15.23 -20.43
C LEU C 24 -2.88 15.08 -21.78
N ARG C 25 -4.19 14.84 -21.78
CA ARG C 25 -5.02 14.92 -22.98
C ARG C 25 -5.33 16.37 -23.33
N GLU C 26 -4.81 17.33 -22.56
CA GLU C 26 -4.77 18.73 -22.92
C GLU C 26 -3.37 19.18 -23.28
N ARG C 27 -2.42 18.23 -23.38
CA ARG C 27 -1.02 18.53 -23.62
C ARG C 27 -0.40 19.33 -22.45
N ILE C 28 -0.71 18.93 -21.22
CA ILE C 28 -0.12 19.58 -20.05
C ILE C 28 0.69 18.57 -19.25
N VAL C 29 2.00 18.65 -19.42
CA VAL C 29 2.95 17.98 -18.56
C VAL C 29 3.10 18.83 -17.30
N CYS C 30 2.80 18.23 -16.14
CA CYS C 30 3.09 18.85 -14.85
C CYS C 30 4.50 18.57 -14.37
N VAL C 31 5.10 19.57 -13.72
CA VAL C 31 6.32 19.34 -12.97
C VAL C 31 6.11 19.91 -11.58
N MET C 32 5.28 19.23 -10.81
CA MET C 32 5.09 19.54 -9.41
C MET C 32 6.25 19.01 -8.59
N GLY C 33 6.70 19.80 -7.65
CA GLY C 33 7.61 19.30 -6.66
C GLY C 33 8.97 18.90 -7.19
N PRO C 34 9.74 18.25 -6.34
CA PRO C 34 11.19 18.18 -6.55
C PRO C 34 11.54 17.26 -7.69
N ILE C 35 12.58 17.64 -8.41
CA ILE C 35 13.01 16.91 -9.59
C ILE C 35 13.99 15.80 -9.18
N ASP C 36 13.58 14.55 -9.38
CA ASP C 36 14.42 13.37 -9.17
C ASP C 36 14.38 12.51 -10.42
N ASP C 37 15.05 11.37 -10.37
CA ASP C 37 15.14 10.54 -11.56
C ASP C 37 13.76 10.04 -11.99
N SER C 38 12.92 9.62 -11.04
CA SER C 38 11.64 9.10 -11.46
C SER C 38 10.82 10.20 -12.09
N VAL C 39 10.83 11.41 -11.49
CA VAL C 39 10.12 12.52 -12.09
C VAL C 39 10.63 12.79 -13.50
N ALA C 40 11.95 12.70 -13.69
CA ALA C 40 12.53 12.96 -15.00
C ALA C 40 12.07 11.93 -16.01
N SER C 41 12.26 10.63 -15.70
CA SER C 41 11.72 9.56 -16.54
C SER C 41 10.27 9.82 -16.95
N LEU C 42 9.45 10.25 -15.98
CA LEU C 42 8.01 10.34 -16.17
C LEU C 42 7.65 11.49 -17.10
N VAL C 43 8.33 12.62 -16.93
CA VAL C 43 8.12 13.77 -17.81
C VAL C 43 8.63 13.45 -19.20
N ILE C 44 9.82 12.85 -19.30
CA ILE C 44 10.41 12.56 -20.60
C ILE C 44 9.47 11.70 -21.41
N ALA C 45 8.78 10.76 -20.75
CA ALA C 45 7.84 9.89 -21.43
C ALA C 45 6.67 10.68 -22.02
N GLN C 46 6.09 11.60 -21.23
CA GLN C 46 4.98 12.41 -21.71
C GLN C 46 5.40 13.37 -22.81
N LEU C 47 6.63 13.88 -22.73
CA LEU C 47 7.13 14.78 -23.76
C LEU C 47 7.27 14.07 -25.10
N LEU C 48 7.71 12.81 -25.06
CA LEU C 48 7.85 12.01 -26.28
C LEU C 48 6.49 11.59 -26.79
N PHE C 49 5.61 11.18 -25.88
CA PHE C 49 4.26 10.86 -26.28
C PHE C 49 3.63 12.00 -27.07
N LEU C 50 3.45 13.15 -26.40
CA LEU C 50 2.76 14.28 -27.00
C LEU C 50 3.36 14.69 -28.33
N GLN C 51 4.66 14.46 -28.51
CA GLN C 51 5.28 14.74 -29.79
C GLN C 51 4.79 13.80 -30.85
N SER C 52 4.76 12.51 -30.54
CA SER C 52 4.28 11.51 -31.50
C SER C 52 2.87 11.85 -31.97
N GLU C 53 1.94 12.01 -31.02
CA GLU C 53 0.66 12.71 -31.19
C GLU C 53 0.68 13.81 -32.25
N SER C 54 1.66 14.72 -32.17
CA SER C 54 1.82 15.86 -33.08
C SER C 54 3.11 16.63 -32.79
N ASN C 55 3.95 16.86 -33.81
CA ASN C 55 5.17 17.64 -33.70
C ASN C 55 4.99 19.11 -34.02
N LYS C 56 3.75 19.61 -33.95
CA LYS C 56 3.45 21.01 -34.20
C LYS C 56 2.59 21.60 -33.09
N LYS C 57 1.79 20.77 -32.43
CA LYS C 57 0.91 21.27 -31.39
C LYS C 57 1.73 21.55 -30.14
N PRO C 58 1.65 22.76 -29.58
CA PRO C 58 2.49 23.13 -28.45
C PRO C 58 2.16 22.32 -27.21
N ILE C 59 3.19 22.10 -26.40
CA ILE C 59 3.06 21.42 -25.12
C ILE C 59 3.22 22.46 -24.05
N HIS C 60 2.37 22.40 -23.03
CA HIS C 60 2.45 23.30 -21.89
C HIS C 60 3.05 22.57 -20.70
N MET C 61 4.12 23.12 -20.14
CA MET C 61 4.88 22.46 -19.09
C MET C 61 4.66 23.26 -17.81
N TYR C 62 3.99 22.66 -16.82
CA TYR C 62 3.62 23.37 -15.60
C TYR C 62 4.67 23.11 -14.53
N ILE C 63 5.24 24.17 -13.98
CA ILE C 63 6.43 24.07 -13.14
C ILE C 63 6.14 24.72 -11.82
N ASN C 64 6.19 23.93 -10.75
CA ASN C 64 6.16 24.41 -9.37
C ASN C 64 7.12 23.49 -8.60
N SER C 65 8.41 23.76 -8.76
CA SER C 65 9.50 22.92 -8.31
C SER C 65 10.50 23.74 -7.51
N PRO C 66 10.96 23.24 -6.37
CA PRO C 66 12.11 23.84 -5.69
C PRO C 66 13.45 23.36 -6.24
N GLY C 67 13.43 22.67 -7.37
CA GLY C 67 14.61 22.04 -7.95
C GLY C 67 14.61 20.53 -7.80
N GLY C 68 15.79 20.00 -7.61
CA GLY C 68 16.00 18.59 -7.45
C GLY C 68 17.31 18.20 -8.07
N VAL C 69 17.43 16.89 -8.31
CA VAL C 69 18.65 16.28 -8.83
C VAL C 69 19.14 17.01 -10.07
N VAL C 70 20.43 17.21 -10.19
CA VAL C 70 20.88 18.02 -11.33
C VAL C 70 20.82 17.20 -12.61
N THR C 71 21.34 15.97 -12.59
CA THR C 71 21.33 15.14 -13.79
C THR C 71 19.91 14.94 -14.32
N ALA C 72 18.97 14.64 -13.42
CA ALA C 72 17.56 14.45 -13.79
C ALA C 72 16.97 15.70 -14.43
N GLY C 73 17.33 16.87 -13.93
CA GLY C 73 16.86 18.09 -14.57
C GLY C 73 17.41 18.20 -15.97
N LEU C 74 18.65 17.78 -16.17
CA LEU C 74 19.28 17.92 -17.47
C LEU C 74 18.62 17.03 -18.52
N ALA C 75 18.14 15.85 -18.13
CA ALA C 75 17.42 14.99 -19.07
C ALA C 75 16.13 15.64 -19.54
N ILE C 76 15.30 16.12 -18.59
CA ILE C 76 14.11 16.90 -18.93
C ILE C 76 14.48 18.10 -19.79
N TYR C 77 15.63 18.72 -19.51
CA TYR C 77 16.06 19.81 -20.34
C TYR C 77 16.35 19.33 -21.76
N ASP C 78 17.14 18.26 -21.90
CA ASP C 78 17.56 17.84 -23.22
C ASP C 78 16.38 17.30 -24.05
N THR C 79 15.45 16.63 -23.38
CA THR C 79 14.27 16.10 -24.06
C THR C 79 13.43 17.23 -24.66
N MET C 80 13.21 18.30 -23.90
CA MET C 80 12.62 19.53 -24.43
C MET C 80 13.34 19.98 -25.70
N GLN C 81 14.63 20.26 -25.55
CA GLN C 81 15.46 20.69 -26.66
C GLN C 81 15.35 19.74 -27.83
N TYR C 82 15.32 18.43 -27.56
CA TYR C 82 15.20 17.44 -28.64
C TYR C 82 13.93 17.67 -29.46
N ILE C 83 12.76 17.56 -28.82
CA ILE C 83 11.50 17.50 -29.58
C ILE C 83 11.28 18.83 -30.31
N LEU C 84 10.37 18.78 -31.29
CA LEU C 84 10.08 19.91 -32.16
C LEU C 84 8.98 20.81 -31.65
N ASN C 85 8.14 20.35 -30.74
CA ASN C 85 6.99 21.18 -30.40
C ASN C 85 7.45 22.50 -29.79
N PRO C 86 6.82 23.61 -30.16
CA PRO C 86 6.81 24.76 -29.28
C PRO C 86 6.45 24.26 -27.90
N ILE C 87 7.15 24.76 -26.87
CA ILE C 87 6.89 24.41 -25.49
C ILE C 87 6.68 25.69 -24.71
N CYS C 88 5.44 25.93 -24.27
CA CYS C 88 5.16 26.99 -23.30
C CYS C 88 5.49 26.51 -21.90
N THR C 89 6.22 27.34 -21.14
CA THR C 89 6.42 27.08 -19.72
C THR C 89 5.58 28.06 -18.91
N TRP C 90 5.03 27.52 -17.83
CA TRP C 90 4.26 28.27 -16.85
C TRP C 90 4.84 28.08 -15.45
N CYS C 91 5.38 29.15 -14.89
CA CYS C 91 5.76 29.11 -13.49
C CYS C 91 4.63 29.60 -12.62
N VAL C 92 4.24 28.78 -11.65
CA VAL C 92 3.19 29.15 -10.70
C VAL C 92 3.69 28.71 -9.33
N GLY C 93 3.59 29.59 -8.34
CA GLY C 93 4.16 29.23 -7.05
C GLY C 93 5.63 29.57 -6.88
N GLN C 94 6.53 28.69 -7.34
CA GLN C 94 7.95 28.96 -7.30
C GLN C 94 8.59 28.11 -8.38
N ALA C 95 9.73 28.60 -8.91
CA ALA C 95 10.59 27.85 -9.84
C ALA C 95 12.01 28.10 -9.39
N ALA C 96 12.61 27.15 -8.68
CA ALA C 96 13.89 27.38 -8.06
C ALA C 96 14.88 26.34 -8.54
N SER C 97 16.16 26.72 -8.55
CA SER C 97 17.27 25.84 -8.90
C SER C 97 16.90 25.17 -10.22
N MET C 98 17.07 23.85 -10.38
CA MET C 98 16.78 23.25 -11.68
C MET C 98 15.39 23.60 -12.19
N GLY C 99 14.40 23.64 -11.32
CA GLY C 99 13.06 24.01 -11.74
C GLY C 99 13.00 25.28 -12.58
N SER C 100 13.86 26.24 -12.31
CA SER C 100 13.86 27.44 -13.12
C SER C 100 14.81 27.36 -14.32
N LEU C 101 15.60 26.30 -14.42
CA LEU C 101 16.25 26.07 -15.70
C LEU C 101 15.22 25.60 -16.72
N LEU C 102 14.41 24.59 -16.35
CA LEU C 102 13.29 24.11 -17.16
C LEU C 102 12.38 25.25 -17.59
N LEU C 103 12.19 26.23 -16.71
CA LEU C 103 11.35 27.39 -17.01
C LEU C 103 11.93 28.22 -18.16
N ALA C 104 13.10 28.78 -17.94
CA ALA C 104 13.76 29.56 -18.97
C ALA C 104 14.21 28.72 -20.15
N ALA C 105 14.16 27.39 -20.05
CA ALA C 105 14.44 26.57 -21.22
C ALA C 105 13.25 26.47 -22.18
N GLY C 106 12.12 27.10 -21.87
CA GLY C 106 10.99 27.11 -22.77
C GLY C 106 11.30 27.79 -24.09
N THR C 107 10.31 27.76 -24.97
CA THR C 107 10.43 28.39 -26.27
C THR C 107 10.29 29.90 -26.15
N PRO C 108 11.23 30.67 -26.71
CA PRO C 108 11.14 32.13 -26.67
C PRO C 108 9.75 32.64 -27.04
N GLY C 109 9.35 33.73 -26.40
CA GLY C 109 8.01 34.24 -26.47
C GLY C 109 6.99 33.46 -25.69
N MET C 110 7.34 32.27 -25.21
CA MET C 110 6.35 31.35 -24.66
C MET C 110 6.59 31.01 -23.20
N ARG C 111 7.49 31.71 -22.51
CA ARG C 111 7.72 31.47 -21.10
C ARG C 111 6.87 32.42 -20.29
N HIS C 112 6.07 31.86 -19.41
CA HIS C 112 5.18 32.67 -18.61
C HIS C 112 5.35 32.37 -17.13
N SER C 113 4.72 33.20 -16.34
CA SER C 113 4.64 33.01 -14.91
C SER C 113 3.41 33.76 -14.46
N LEU C 114 2.83 33.30 -13.40
CA LEU C 114 1.69 34.00 -12.83
C LEU C 114 2.18 35.01 -11.81
N PRO C 115 1.34 36.01 -11.41
CA PRO C 115 1.83 37.12 -10.56
C PRO C 115 2.70 36.74 -9.35
N ASN C 116 2.16 35.97 -8.42
CA ASN C 116 2.77 35.81 -7.11
C ASN C 116 3.80 34.67 -7.06
N SER C 117 4.39 34.33 -8.19
CA SER C 117 5.46 33.34 -8.14
C SER C 117 6.71 33.93 -7.54
N ARG C 118 7.66 33.04 -7.26
CA ARG C 118 9.03 33.34 -6.86
C ARG C 118 9.91 32.55 -7.80
N ILE C 119 11.11 33.05 -8.08
CA ILE C 119 11.99 32.40 -9.08
C ILE C 119 13.46 32.55 -8.71
N MET C 120 14.13 31.45 -8.32
CA MET C 120 15.51 31.47 -7.86
C MET C 120 16.44 30.66 -8.76
N ILE C 121 17.59 31.22 -9.14
CA ILE C 121 18.57 30.48 -9.92
C ILE C 121 19.80 30.08 -9.12
N HIS C 122 19.94 30.54 -7.88
CA HIS C 122 20.98 30.06 -6.96
C HIS C 122 20.84 28.55 -6.75
N GLN C 123 21.97 27.81 -6.85
CA GLN C 123 21.75 26.39 -6.62
C GLN C 123 21.90 26.08 -5.13
N PRO C 124 21.29 24.99 -4.65
CA PRO C 124 21.37 24.67 -3.22
C PRO C 124 22.71 24.00 -2.91
N SER C 125 22.93 23.75 -1.62
CA SER C 125 24.23 23.37 -1.02
C SER C 125 25.13 24.60 -0.95
N ILE C 135 25.61 8.47 -6.69
CA ILE C 135 25.67 9.83 -7.20
C ILE C 135 26.30 10.72 -6.08
N ALA C 136 27.60 10.46 -5.82
CA ALA C 136 28.40 11.07 -4.75
C ALA C 136 29.37 12.15 -5.20
N ILE C 137 29.94 12.04 -6.41
CA ILE C 137 30.60 13.09 -7.20
C ILE C 137 31.86 13.68 -6.55
N GLN C 138 32.87 13.98 -7.38
CA GLN C 138 34.09 14.68 -6.99
C GLN C 138 33.96 16.20 -7.17
N ALA C 139 34.95 16.94 -6.66
CA ALA C 139 34.91 18.40 -6.70
C ALA C 139 34.94 18.93 -8.12
N GLU C 140 35.82 18.37 -8.95
CA GLU C 140 35.86 18.75 -10.36
C GLU C 140 34.52 18.49 -11.02
N GLU C 141 33.84 17.44 -10.62
CA GLU C 141 32.60 17.13 -11.31
C GLU C 141 31.49 18.07 -10.88
N ILE C 142 31.52 18.58 -9.65
CA ILE C 142 30.50 19.55 -9.29
C ILE C 142 30.68 20.82 -10.11
N MET C 143 31.92 21.26 -10.29
CA MET C 143 32.13 22.45 -11.11
C MET C 143 31.79 22.19 -12.56
N LYS C 144 32.08 20.99 -13.05
CA LYS C 144 31.74 20.66 -14.43
C LYS C 144 30.25 20.84 -14.63
N LEU C 145 29.44 20.39 -13.68
CA LEU C 145 28.00 20.46 -13.83
C LEU C 145 27.51 21.90 -13.76
N LYS C 146 27.99 22.64 -12.75
CA LYS C 146 27.61 24.03 -12.61
C LYS C 146 27.97 24.79 -13.88
N LYS C 147 29.15 24.51 -14.42
CA LYS C 147 29.61 25.20 -15.63
C LYS C 147 28.69 24.86 -16.83
N GLN C 148 28.07 23.68 -16.83
CA GLN C 148 27.00 23.38 -17.79
C GLN C 148 25.78 24.27 -17.55
N LEU C 149 25.38 24.43 -16.29
CA LEU C 149 24.21 25.23 -15.98
C LEU C 149 24.38 26.66 -16.43
N TYR C 150 25.42 27.33 -15.92
CA TYR C 150 25.87 28.62 -16.44
C TYR C 150 25.62 28.71 -17.92
N ASN C 151 26.31 27.88 -18.70
CA ASN C 151 26.10 27.89 -20.14
C ASN C 151 24.63 27.77 -20.49
N ILE C 152 23.94 26.79 -19.90
CA ILE C 152 22.53 26.60 -20.26
C ILE C 152 21.73 27.86 -19.93
N TYR C 153 21.93 28.42 -18.73
CA TYR C 153 21.23 29.66 -18.40
C TYR C 153 21.66 30.81 -19.30
N ALA C 154 22.94 30.86 -19.65
CA ALA C 154 23.41 31.99 -20.45
C ALA C 154 22.79 31.97 -21.82
N LYS C 155 22.51 30.78 -22.36
CA LYS C 155 21.94 30.72 -23.70
C LYS C 155 20.53 31.31 -23.70
N HIS C 156 19.69 30.87 -22.77
CA HIS C 156 18.27 31.14 -22.89
C HIS C 156 17.89 32.52 -22.37
N THR C 157 18.65 33.08 -21.44
CA THR C 157 18.46 34.45 -21.02
C THR C 157 19.13 35.46 -21.94
N LYS C 158 20.21 35.04 -22.61
CA LYS C 158 21.03 35.89 -23.47
C LYS C 158 21.98 36.72 -22.64
N GLN C 159 22.20 36.35 -21.38
CA GLN C 159 23.14 37.08 -20.56
C GLN C 159 24.52 36.48 -20.71
N SER C 160 25.52 37.31 -20.46
CA SER C 160 26.90 36.81 -20.53
C SER C 160 27.13 35.81 -19.41
N LEU C 161 27.98 34.81 -19.70
CA LEU C 161 28.40 33.89 -18.65
C LEU C 161 28.75 34.69 -17.39
N GLN C 162 29.32 35.87 -17.55
CA GLN C 162 29.69 36.67 -16.39
C GLN C 162 28.45 37.13 -15.63
N VAL C 163 27.51 37.76 -16.34
CA VAL C 163 26.30 38.23 -15.70
C VAL C 163 25.55 37.07 -15.03
N ILE C 164 25.71 35.86 -15.55
CA ILE C 164 25.02 34.70 -14.99
C ILE C 164 25.67 34.27 -13.68
N GLU C 165 26.99 34.10 -13.70
CA GLU C 165 27.71 33.56 -12.56
C GLU C 165 27.51 34.44 -11.32
N SER C 166 27.57 35.76 -11.51
CA SER C 166 27.30 36.71 -10.41
C SER C 166 25.92 36.48 -9.82
N ALA C 167 24.89 36.56 -10.68
CA ALA C 167 23.52 36.31 -10.25
C ALA C 167 23.39 35.05 -9.41
N MET C 168 23.75 33.90 -9.99
CA MET C 168 23.53 32.61 -9.36
C MET C 168 24.30 32.39 -8.06
N GLU C 169 25.22 33.29 -7.67
CA GLU C 169 25.80 33.20 -6.33
C GLU C 169 25.08 34.08 -5.33
N ARG C 170 24.17 34.93 -5.78
CA ARG C 170 23.29 35.62 -4.86
C ARG C 170 22.23 34.66 -4.39
N ASP C 171 22.04 34.60 -3.08
CA ASP C 171 21.10 33.67 -2.47
C ASP C 171 19.80 34.43 -2.27
N ARG C 172 18.94 34.39 -3.29
CA ARG C 172 17.70 35.13 -3.24
C ARG C 172 16.76 34.63 -4.32
N TYR C 173 15.53 35.14 -4.26
CA TYR C 173 14.46 34.89 -5.21
C TYR C 173 14.16 36.18 -5.97
N MET C 174 13.58 36.03 -7.16
CA MET C 174 13.12 37.13 -7.99
C MET C 174 11.60 37.18 -8.00
N SER C 175 11.05 38.32 -8.39
CA SER C 175 9.66 38.37 -8.78
C SER C 175 9.55 37.85 -10.20
N PRO C 176 8.34 37.69 -10.74
CA PRO C 176 8.22 37.63 -12.19
C PRO C 176 8.95 38.77 -12.90
N MET C 177 8.71 40.03 -12.53
CA MET C 177 9.22 41.10 -13.41
C MET C 177 10.75 41.15 -13.41
N GLU C 178 11.41 40.80 -12.31
CA GLU C 178 12.85 40.61 -12.42
C GLU C 178 13.15 39.54 -13.43
N ALA C 179 12.76 38.29 -13.12
CA ALA C 179 13.02 37.14 -13.99
C ALA C 179 12.70 37.42 -15.47
N GLN C 180 11.77 38.34 -15.74
CA GLN C 180 11.53 38.80 -17.10
C GLN C 180 12.64 39.77 -17.58
N GLU C 181 13.03 40.79 -16.75
CA GLU C 181 14.09 41.75 -17.10
C GLU C 181 15.45 41.11 -17.36
N PHE C 182 15.52 39.79 -17.22
CA PHE C 182 16.74 39.04 -17.12
C PHE C 182 16.82 37.94 -18.16
N GLY C 183 15.71 37.52 -18.70
CA GLY C 183 15.68 36.46 -19.68
C GLY C 183 15.24 35.11 -19.19
N ILE C 184 14.57 35.01 -18.05
CA ILE C 184 13.97 33.73 -17.71
C ILE C 184 12.54 33.63 -18.24
N LEU C 185 11.76 34.70 -18.27
CA LEU C 185 10.41 34.62 -18.79
C LEU C 185 10.26 35.56 -19.97
N ASP C 186 9.01 35.66 -20.44
CA ASP C 186 8.61 36.66 -21.41
C ASP C 186 7.34 37.36 -20.91
N LYS C 187 6.48 36.64 -20.17
CA LYS C 187 5.16 37.18 -19.82
C LYS C 187 4.80 36.95 -18.34
N VAL C 188 4.09 37.93 -17.75
CA VAL C 188 3.63 37.89 -16.36
C VAL C 188 2.14 38.21 -16.43
N LEU C 189 1.30 37.20 -16.53
CA LEU C 189 -0.11 37.41 -16.81
C LEU C 189 -0.95 37.29 -15.55
N VAL C 190 -2.20 37.78 -15.62
CA VAL C 190 -3.16 37.91 -14.51
C VAL C 190 -4.53 37.42 -14.99
N HIS C 191 -4.73 37.41 -16.31
CA HIS C 191 -5.90 36.78 -16.93
C HIS C 191 -5.79 36.86 -18.45
N PRO C 192 -6.26 35.86 -19.17
CA PRO C 192 -6.16 35.88 -20.63
C PRO C 192 -7.19 36.84 -21.21
N PRO C 193 -7.32 36.95 -22.54
CA PRO C 193 -8.49 37.74 -22.98
C PRO C 193 -9.84 37.16 -22.56
N LEU D 2 2.47 9.26 -9.52
CA LEU D 2 1.27 8.71 -10.14
C LEU D 2 1.42 8.65 -11.66
N ILE D 3 1.14 7.48 -12.25
CA ILE D 3 1.39 7.23 -13.68
C ILE D 3 0.17 7.63 -14.51
N PRO D 4 0.31 8.47 -15.53
CA PRO D 4 -0.83 8.81 -16.38
C PRO D 4 -1.22 7.69 -17.33
N ILE D 5 -2.50 7.74 -17.76
CA ILE D 5 -3.04 6.93 -18.85
C ILE D 5 -3.13 7.76 -20.12
N VAL D 6 -2.86 7.12 -21.27
CA VAL D 6 -3.06 7.73 -22.59
C VAL D 6 -3.86 6.76 -23.43
N VAL D 7 -4.51 7.27 -24.48
CA VAL D 7 -5.30 6.41 -25.38
C VAL D 7 -4.70 6.33 -26.78
N GLU D 14 -10.88 2.59 -29.45
CA GLU D 14 -9.85 1.57 -29.27
C GLU D 14 -9.32 1.50 -27.84
N ARG D 15 -8.00 1.45 -27.68
CA ARG D 15 -7.37 1.02 -26.43
C ARG D 15 -6.60 2.13 -25.72
N ALA D 16 -6.32 1.87 -24.45
CA ALA D 16 -5.88 2.88 -23.49
C ALA D 16 -4.88 2.28 -22.52
N TYR D 17 -3.67 2.85 -22.48
CA TYR D 17 -2.53 2.29 -21.78
C TYR D 17 -1.95 3.30 -20.80
N ASP D 18 -1.32 2.79 -19.75
CA ASP D 18 -0.49 3.61 -18.88
C ASP D 18 0.83 3.90 -19.57
N ILE D 19 1.40 5.08 -19.31
CA ILE D 19 2.39 5.65 -20.22
C ILE D 19 3.66 4.81 -20.29
N TYR D 20 3.96 4.03 -19.24
CA TYR D 20 5.09 3.12 -19.37
C TYR D 20 4.71 1.91 -20.20
N SER D 21 3.48 1.43 -20.08
CA SER D 21 3.05 0.36 -20.97
C SER D 21 3.07 0.81 -22.43
N ARG D 22 2.62 2.04 -22.70
CA ARG D 22 2.58 2.51 -24.09
C ARG D 22 3.99 2.69 -24.64
N LEU D 23 4.97 3.08 -23.81
CA LEU D 23 6.35 3.17 -24.28
C LEU D 23 6.87 1.82 -24.76
N LEU D 24 6.59 0.76 -24.00
CA LEU D 24 6.98 -0.58 -24.43
C LEU D 24 6.35 -0.93 -25.76
N ARG D 25 5.15 -0.42 -26.04
CA ARG D 25 4.53 -0.65 -27.33
C ARG D 25 5.40 -0.12 -28.46
N GLU D 26 6.03 1.03 -28.25
CA GLU D 26 7.03 1.59 -29.15
C GLU D 26 8.36 0.86 -29.08
N ARG D 27 8.43 -0.30 -28.44
CA ARG D 27 9.68 -1.04 -28.24
C ARG D 27 10.73 -0.18 -27.53
N ILE D 28 10.35 0.42 -26.40
CA ILE D 28 11.27 1.18 -25.57
C ILE D 28 11.34 0.50 -24.22
N VAL D 29 12.48 -0.05 -23.91
CA VAL D 29 12.71 -0.49 -22.55
C VAL D 29 13.42 0.65 -21.81
N CYS D 30 13.02 0.92 -20.58
CA CYS D 30 13.69 1.92 -19.76
C CYS D 30 14.51 1.28 -18.65
N VAL D 31 15.68 1.86 -18.41
CA VAL D 31 16.56 1.51 -17.31
C VAL D 31 16.81 2.79 -16.54
N MET D 32 15.90 3.19 -15.66
CA MET D 32 16.11 4.37 -14.84
C MET D 32 16.57 3.93 -13.45
N GLY D 33 17.58 4.61 -12.94
CA GLY D 33 17.95 4.44 -11.56
C GLY D 33 18.71 3.18 -11.23
N PRO D 34 18.97 3.00 -9.94
CA PRO D 34 19.81 1.89 -9.48
C PRO D 34 19.39 0.53 -10.00
N ILE D 35 20.34 -0.20 -10.58
CA ILE D 35 20.09 -1.51 -11.15
C ILE D 35 20.20 -2.60 -10.07
N ASP D 36 19.11 -3.33 -9.83
CA ASP D 36 19.11 -4.45 -8.91
C ASP D 36 18.43 -5.68 -9.55
N ASP D 37 18.48 -6.81 -8.83
CA ASP D 37 17.95 -8.06 -9.38
C ASP D 37 16.56 -7.90 -9.97
N SER D 38 15.68 -7.14 -9.31
CA SER D 38 14.35 -6.93 -9.86
C SER D 38 14.44 -6.14 -11.17
N VAL D 39 15.16 -5.01 -11.16
CA VAL D 39 15.22 -4.19 -12.37
C VAL D 39 15.77 -5.03 -13.50
N ALA D 40 16.57 -6.04 -13.16
CA ALA D 40 17.11 -6.93 -14.18
C ALA D 40 16.07 -7.93 -14.67
N SER D 41 15.37 -8.61 -13.74
CA SER D 41 14.37 -9.57 -14.18
C SER D 41 13.25 -8.89 -14.96
N LEU D 42 12.98 -7.60 -14.69
CA LEU D 42 11.94 -6.87 -15.39
C LEU D 42 12.42 -6.33 -16.73
N VAL D 43 13.68 -5.89 -16.82
CA VAL D 43 14.27 -5.56 -18.11
C VAL D 43 14.27 -6.78 -19.00
N ILE D 44 14.75 -7.91 -18.48
CA ILE D 44 14.95 -9.09 -19.31
C ILE D 44 13.61 -9.59 -19.84
N ALA D 45 12.57 -9.52 -19.00
CA ALA D 45 11.22 -9.78 -19.47
C ALA D 45 10.88 -8.87 -20.64
N GLN D 46 11.10 -7.57 -20.47
CA GLN D 46 10.83 -6.64 -21.56
C GLN D 46 11.70 -6.91 -22.77
N LEU D 47 12.93 -7.39 -22.57
CA LEU D 47 13.75 -7.68 -23.73
C LEU D 47 13.35 -8.98 -24.40
N LEU D 48 13.17 -10.06 -23.63
CA LEU D 48 12.74 -11.31 -24.23
C LEU D 48 11.39 -11.21 -24.92
N PHE D 49 10.56 -10.21 -24.55
CA PHE D 49 9.27 -10.00 -25.18
C PHE D 49 9.40 -9.30 -26.51
N LEU D 50 10.24 -8.27 -26.60
CA LEU D 50 10.32 -7.55 -27.86
C LEU D 50 10.99 -8.40 -28.94
N GLN D 51 11.91 -9.29 -28.55
CA GLN D 51 12.47 -10.22 -29.52
C GLN D 51 11.39 -11.09 -30.11
N SER D 52 10.46 -11.56 -29.27
CA SER D 52 9.42 -12.49 -29.74
C SER D 52 8.49 -11.85 -30.76
N GLU D 53 8.05 -10.60 -30.51
CA GLU D 53 7.21 -9.84 -31.43
C GLU D 53 7.92 -9.50 -32.74
N SER D 54 9.25 -9.64 -32.78
CA SER D 54 10.11 -9.36 -33.92
C SER D 54 11.55 -9.66 -33.57
N ASN D 55 12.16 -10.63 -34.23
CA ASN D 55 13.56 -10.91 -33.93
C ASN D 55 14.44 -9.84 -34.48
N LYS D 56 13.98 -9.11 -35.48
CA LYS D 56 14.85 -8.21 -36.22
C LYS D 56 14.50 -6.74 -36.03
N LYS D 57 13.40 -6.41 -35.32
CA LYS D 57 13.11 -4.99 -35.17
C LYS D 57 13.93 -4.40 -34.02
N PRO D 58 14.47 -3.20 -34.22
CA PRO D 58 15.21 -2.50 -33.16
C PRO D 58 14.42 -2.27 -31.89
N ILE D 59 15.09 -2.53 -30.77
CA ILE D 59 14.71 -2.12 -29.43
C ILE D 59 15.51 -0.87 -29.06
N HIS D 60 14.90 -0.01 -28.24
CA HIS D 60 15.58 1.13 -27.62
C HIS D 60 15.63 1.00 -26.11
N MET D 61 16.85 1.04 -25.55
CA MET D 61 17.09 1.13 -24.11
C MET D 61 17.39 2.58 -23.79
N TYR D 62 16.51 3.20 -23.02
CA TYR D 62 16.73 4.54 -22.48
C TYR D 62 17.46 4.41 -21.15
N ILE D 63 18.75 4.75 -21.11
CA ILE D 63 19.50 4.59 -19.88
C ILE D 63 19.67 5.96 -19.22
N ASN D 64 19.20 6.05 -17.98
CA ASN D 64 19.60 7.09 -17.04
C ASN D 64 19.75 6.39 -15.71
N SER D 65 20.99 6.17 -15.29
CA SER D 65 21.26 5.30 -14.15
C SER D 65 22.67 5.44 -13.59
N PRO D 66 22.83 5.42 -12.29
CA PRO D 66 24.16 5.58 -11.70
C PRO D 66 24.85 4.25 -11.43
N GLY D 67 24.35 3.20 -12.09
CA GLY D 67 24.84 1.84 -11.87
C GLY D 67 23.96 1.08 -10.91
N GLY D 68 24.42 -0.12 -10.58
CA GLY D 68 23.68 -0.95 -9.65
C GLY D 68 24.48 -2.18 -9.29
N VAL D 69 23.79 -3.28 -8.96
CA VAL D 69 24.47 -4.52 -8.66
C VAL D 69 25.29 -4.97 -9.88
N VAL D 70 26.45 -5.56 -9.64
CA VAL D 70 27.30 -5.91 -10.76
C VAL D 70 26.73 -7.12 -11.51
N THR D 71 26.39 -8.19 -10.78
CA THR D 71 25.82 -9.35 -11.43
C THR D 71 24.50 -9.01 -12.10
N ALA D 72 23.66 -8.21 -11.43
CA ALA D 72 22.38 -7.78 -11.99
C ALA D 72 22.55 -7.13 -13.37
N GLY D 73 23.54 -6.25 -13.51
CA GLY D 73 23.74 -5.60 -14.78
C GLY D 73 24.34 -6.50 -15.83
N LEU D 74 25.15 -7.49 -15.41
CA LEU D 74 25.65 -8.50 -16.35
C LEU D 74 24.50 -9.32 -16.95
N ALA D 75 23.57 -9.77 -16.12
CA ALA D 75 22.37 -10.41 -16.64
C ALA D 75 21.72 -9.55 -17.71
N ILE D 76 21.52 -8.26 -17.43
CA ILE D 76 20.94 -7.40 -18.46
C ILE D 76 21.86 -7.30 -19.66
N TYR D 77 23.18 -7.32 -19.44
CA TYR D 77 24.09 -7.38 -20.59
C TYR D 77 23.91 -8.71 -21.33
N ASP D 78 24.02 -9.83 -20.62
CA ASP D 78 24.03 -11.14 -21.26
C ASP D 78 22.81 -11.34 -22.15
N THR D 79 21.66 -10.84 -21.71
CA THR D 79 20.45 -10.89 -22.55
C THR D 79 20.58 -9.99 -23.77
N MET D 80 21.04 -8.75 -23.59
CA MET D 80 21.24 -7.88 -24.74
C MET D 80 22.11 -8.52 -25.81
N GLN D 81 23.06 -9.36 -25.40
CA GLN D 81 23.94 -10.04 -26.33
C GLN D 81 23.31 -11.29 -26.92
N TYR D 82 22.48 -11.95 -26.12
CA TYR D 82 21.74 -13.12 -26.59
C TYR D 82 20.74 -12.74 -27.68
N ILE D 83 19.80 -11.84 -27.38
CA ILE D 83 18.70 -11.58 -28.31
C ILE D 83 19.23 -11.12 -29.67
N LEU D 84 18.46 -11.44 -30.72
CA LEU D 84 18.89 -11.07 -32.07
C LEU D 84 18.74 -9.60 -32.33
N ASN D 85 17.85 -8.95 -31.63
CA ASN D 85 17.50 -7.59 -31.96
C ASN D 85 18.72 -6.68 -32.03
N PRO D 86 18.83 -5.85 -33.07
CA PRO D 86 19.54 -4.58 -32.94
C PRO D 86 19.02 -3.80 -31.75
N ILE D 87 19.92 -3.17 -30.99
CA ILE D 87 19.52 -2.44 -29.80
C ILE D 87 20.11 -1.05 -29.84
N CYS D 88 19.26 -0.03 -29.86
CA CYS D 88 19.73 1.35 -29.74
C CYS D 88 19.78 1.75 -28.28
N THR D 89 20.88 2.34 -27.87
CA THR D 89 21.01 2.81 -26.51
C THR D 89 20.99 4.33 -26.52
N TRP D 90 20.18 4.87 -25.64
CA TRP D 90 20.05 6.30 -25.42
C TRP D 90 20.43 6.59 -23.98
N CYS D 91 21.25 7.63 -23.78
CA CYS D 91 21.63 8.10 -22.47
C CYS D 91 21.10 9.51 -22.26
N VAL D 92 20.23 9.67 -21.25
CA VAL D 92 19.83 10.97 -20.75
C VAL D 92 20.21 11.02 -19.27
N GLY D 93 20.40 12.24 -18.77
CA GLY D 93 20.78 12.38 -17.38
C GLY D 93 22.20 11.92 -17.13
N GLN D 94 22.36 10.66 -16.75
CA GLN D 94 23.67 10.13 -16.46
C GLN D 94 23.65 8.66 -16.82
N ALA D 95 24.82 8.11 -17.05
CA ALA D 95 24.94 6.66 -17.17
C ALA D 95 26.31 6.28 -16.59
N ALA D 96 26.33 5.99 -15.29
CA ALA D 96 27.55 5.63 -14.59
C ALA D 96 27.59 4.13 -14.28
N SER D 97 28.75 3.67 -13.82
CA SER D 97 28.95 2.30 -13.30
C SER D 97 28.38 1.32 -14.32
N MET D 98 27.59 0.31 -13.91
CA MET D 98 27.01 -0.66 -14.85
C MET D 98 26.15 0.00 -15.91
N GLY D 99 25.52 1.12 -15.59
CA GLY D 99 24.70 1.81 -16.58
C GLY D 99 25.47 2.07 -17.85
N SER D 100 26.69 2.61 -17.72
CA SER D 100 27.49 2.93 -18.89
C SER D 100 27.88 1.67 -19.66
N LEU D 101 28.18 0.56 -18.95
CA LEU D 101 28.40 -0.74 -19.61
C LEU D 101 27.22 -1.11 -20.50
N LEU D 102 25.99 -0.88 -20.02
CA LEU D 102 24.81 -1.12 -20.84
C LEU D 102 24.70 -0.12 -21.97
N LEU D 103 25.07 1.14 -21.71
CA LEU D 103 25.15 2.12 -22.79
C LEU D 103 26.10 1.64 -23.88
N ALA D 104 27.34 1.35 -23.50
CA ALA D 104 28.31 0.89 -24.49
C ALA D 104 27.92 -0.44 -25.12
N ALA D 105 27.01 -1.21 -24.49
CA ALA D 105 26.73 -2.55 -24.98
C ALA D 105 25.61 -2.59 -26.01
N GLY D 106 25.23 -1.46 -26.57
CA GLY D 106 24.30 -1.48 -27.66
C GLY D 106 24.95 -1.88 -28.96
N THR D 107 24.10 -2.13 -29.95
CA THR D 107 24.59 -2.46 -31.29
C THR D 107 25.48 -1.33 -31.80
N PRO D 108 26.70 -1.63 -32.23
CA PRO D 108 27.56 -0.62 -32.88
C PRO D 108 26.83 0.40 -33.76
N GLY D 109 27.13 1.69 -33.57
CA GLY D 109 26.52 2.76 -34.33
C GLY D 109 25.13 3.15 -33.89
N MET D 110 24.54 2.40 -32.96
CA MET D 110 23.24 2.74 -32.39
C MET D 110 23.32 3.10 -30.90
N ARG D 111 24.52 3.43 -30.41
CA ARG D 111 24.70 3.94 -29.05
C ARG D 111 24.69 5.47 -29.07
N HIS D 112 23.76 6.07 -28.31
CA HIS D 112 23.53 7.51 -28.37
C HIS D 112 23.60 8.14 -26.97
N SER D 113 23.85 9.45 -26.96
CA SER D 113 23.60 10.25 -25.77
C SER D 113 23.00 11.58 -26.19
N LEU D 114 22.29 12.19 -25.28
CA LEU D 114 21.86 13.56 -25.46
C LEU D 114 22.97 14.50 -24.99
N PRO D 115 22.86 15.81 -25.29
CA PRO D 115 24.06 16.66 -25.13
C PRO D 115 24.53 16.89 -23.69
N ASN D 116 23.64 17.01 -22.72
CA ASN D 116 24.01 17.44 -21.37
C ASN D 116 24.20 16.29 -20.40
N SER D 117 24.53 15.11 -20.91
CA SER D 117 24.68 13.91 -20.09
C SER D 117 26.09 13.82 -19.50
N ARG D 118 26.19 13.05 -18.41
CA ARG D 118 27.45 12.71 -17.79
C ARG D 118 27.57 11.20 -17.80
N ILE D 119 28.77 10.68 -18.04
CA ILE D 119 29.00 9.26 -18.27
C ILE D 119 30.21 8.82 -17.45
N MET D 120 30.06 7.74 -16.68
CA MET D 120 31.15 7.27 -15.85
C MET D 120 31.35 5.77 -16.00
N ILE D 121 32.60 5.35 -16.27
CA ILE D 121 32.94 3.93 -16.26
C ILE D 121 33.69 3.52 -15.00
N HIS D 122 34.13 4.48 -14.21
CA HIS D 122 34.70 4.20 -12.91
C HIS D 122 33.72 3.38 -12.07
N GLN D 123 34.26 2.27 -11.39
CA GLN D 123 33.16 1.75 -10.59
C GLN D 123 33.27 2.32 -9.17
N PRO D 124 32.18 2.45 -8.42
CA PRO D 124 32.25 2.99 -7.07
C PRO D 124 32.65 1.93 -6.04
N SER D 125 32.66 2.36 -4.78
CA SER D 125 33.22 1.52 -3.74
C SER D 125 32.17 1.07 -2.72
N THR D 133 28.05 -8.03 -5.94
CA THR D 133 27.60 -7.19 -4.80
C THR D 133 26.23 -7.60 -4.20
N ASP D 134 25.69 -8.76 -4.63
CA ASP D 134 24.48 -9.34 -4.02
C ASP D 134 24.75 -10.15 -2.76
N ILE D 135 26.00 -10.50 -2.48
CA ILE D 135 26.31 -11.18 -1.22
C ILE D 135 27.37 -10.33 -0.53
N ALA D 136 28.62 -10.76 -0.52
CA ALA D 136 29.64 -10.04 0.24
C ALA D 136 31.02 -10.47 -0.23
N ILE D 137 31.16 -11.78 -0.39
CA ILE D 137 32.14 -12.43 -1.27
C ILE D 137 33.61 -12.09 -0.93
N GLN D 138 34.51 -12.95 -1.36
CA GLN D 138 35.90 -12.77 -1.02
C GLN D 138 36.50 -11.62 -1.84
N ALA D 139 37.83 -11.46 -1.71
CA ALA D 139 38.55 -10.47 -2.50
C ALA D 139 38.85 -10.95 -3.90
N GLU D 140 39.02 -12.27 -4.09
CA GLU D 140 39.29 -12.82 -5.41
C GLU D 140 38.09 -12.65 -6.34
N GLU D 141 36.88 -12.80 -5.81
CA GLU D 141 35.68 -12.69 -6.62
C GLU D 141 35.40 -11.25 -7.05
N ILE D 142 35.67 -10.26 -6.18
CA ILE D 142 35.46 -8.89 -6.65
C ILE D 142 36.36 -8.61 -7.84
N MET D 143 37.60 -9.10 -7.80
CA MET D 143 38.49 -8.86 -8.91
C MET D 143 38.01 -9.57 -10.17
N LYS D 144 37.59 -10.82 -10.03
CA LYS D 144 36.93 -11.51 -11.13
C LYS D 144 35.88 -10.62 -11.76
N LEU D 145 34.96 -10.09 -10.94
CA LEU D 145 33.92 -9.22 -11.47
C LEU D 145 34.52 -8.05 -12.21
N LYS D 146 35.55 -7.44 -11.62
CA LYS D 146 36.14 -6.25 -12.25
C LYS D 146 36.73 -6.63 -13.61
N LYS D 147 37.60 -7.64 -13.61
CA LYS D 147 38.20 -8.14 -14.85
C LYS D 147 37.13 -8.52 -15.88
N GLN D 148 35.97 -9.03 -15.42
CA GLN D 148 34.86 -9.23 -16.34
C GLN D 148 34.40 -7.92 -16.97
N LEU D 149 34.53 -6.82 -16.23
CA LEU D 149 34.11 -5.54 -16.78
C LEU D 149 35.16 -4.97 -17.72
N TYR D 150 36.44 -5.13 -17.37
CA TYR D 150 37.53 -4.77 -18.26
C TYR D 150 37.34 -5.42 -19.62
N ASN D 151 37.06 -6.72 -19.61
CA ASN D 151 36.94 -7.41 -20.88
C ASN D 151 35.72 -6.93 -21.65
N ILE D 152 34.62 -6.59 -20.96
CA ILE D 152 33.43 -6.11 -21.65
C ILE D 152 33.67 -4.71 -22.21
N TYR D 153 34.27 -3.82 -21.42
CA TYR D 153 34.54 -2.47 -21.89
C TYR D 153 35.57 -2.47 -23.02
N ALA D 154 36.65 -3.23 -22.83
CA ALA D 154 37.62 -3.47 -23.88
C ALA D 154 36.91 -3.77 -25.19
N LYS D 155 35.94 -4.68 -25.11
CA LYS D 155 35.34 -5.28 -26.29
C LYS D 155 34.57 -4.25 -27.11
N HIS D 156 33.72 -3.46 -26.46
CA HIS D 156 32.76 -2.62 -27.17
C HIS D 156 33.30 -1.26 -27.54
N THR D 157 34.21 -0.72 -26.70
CA THR D 157 35.01 0.46 -26.98
C THR D 157 36.10 0.17 -27.99
N LYS D 158 36.49 -1.09 -28.11
CA LYS D 158 37.63 -1.56 -28.89
C LYS D 158 38.94 -1.01 -28.35
N GLN D 159 38.91 -0.58 -27.09
CA GLN D 159 40.09 -0.12 -26.38
C GLN D 159 40.84 -1.29 -25.79
N SER D 160 42.10 -1.06 -25.45
CA SER D 160 42.94 -2.12 -24.91
C SER D 160 42.57 -2.38 -23.46
N LEU D 161 43.02 -3.53 -22.94
CA LEU D 161 42.86 -3.76 -21.51
C LEU D 161 43.49 -2.64 -20.69
N GLN D 162 44.72 -2.24 -21.00
CA GLN D 162 45.39 -1.28 -20.14
C GLN D 162 44.68 0.06 -20.17
N VAL D 163 44.13 0.44 -21.33
CA VAL D 163 43.48 1.74 -21.43
C VAL D 163 42.18 1.76 -20.66
N ILE D 164 41.40 0.69 -20.78
CA ILE D 164 40.23 0.52 -19.94
C ILE D 164 40.64 0.52 -18.46
N GLU D 165 41.74 -0.17 -18.14
CA GLU D 165 42.17 -0.29 -16.75
C GLU D 165 42.64 1.04 -16.19
N SER D 166 43.51 1.76 -16.92
CA SER D 166 43.95 3.06 -16.43
C SER D 166 42.79 4.01 -16.22
N ALA D 167 41.80 3.97 -17.10
CA ALA D 167 40.78 4.99 -17.09
C ALA D 167 39.63 4.71 -16.11
N MET D 168 39.44 3.46 -15.70
CA MET D 168 38.47 3.18 -14.64
C MET D 168 39.04 3.49 -13.26
N GLU D 169 40.35 3.68 -13.19
CA GLU D 169 41.02 4.20 -12.00
C GLU D 169 40.58 5.62 -11.70
N ARG D 170 40.49 6.46 -12.73
CA ARG D 170 40.12 7.86 -12.55
C ARG D 170 38.67 7.99 -12.14
N ASP D 171 38.43 8.63 -10.99
CA ASP D 171 37.10 8.89 -10.45
C ASP D 171 36.58 10.18 -11.07
N ARG D 172 36.10 10.06 -12.31
CA ARG D 172 35.57 11.22 -13.00
C ARG D 172 34.44 10.79 -13.94
N TYR D 173 33.87 11.77 -14.63
CA TYR D 173 32.77 11.60 -15.56
C TYR D 173 33.18 12.14 -16.91
N MET D 174 32.73 11.50 -17.99
CA MET D 174 33.05 11.89 -19.36
C MET D 174 31.93 12.74 -19.94
N SER D 175 32.30 13.74 -20.75
CA SER D 175 31.30 14.43 -21.54
C SER D 175 30.77 13.47 -22.59
N PRO D 176 29.53 13.65 -23.06
CA PRO D 176 29.08 12.81 -24.18
C PRO D 176 30.02 12.86 -25.37
N MET D 177 30.87 13.88 -25.46
CA MET D 177 31.85 13.85 -26.54
C MET D 177 33.02 12.91 -26.25
N GLU D 178 33.77 13.15 -25.17
CA GLU D 178 34.87 12.24 -24.91
C GLU D 178 34.38 10.81 -24.72
N ALA D 179 33.12 10.61 -24.30
CA ALA D 179 32.54 9.28 -24.33
C ALA D 179 32.54 8.72 -25.75
N GLN D 180 32.10 9.53 -26.70
CA GLN D 180 32.08 9.10 -28.09
C GLN D 180 33.49 8.76 -28.58
N GLU D 181 34.45 9.66 -28.34
CA GLU D 181 35.84 9.40 -28.70
C GLU D 181 36.36 8.12 -28.05
N PHE D 182 35.97 7.84 -26.80
CA PHE D 182 36.58 6.71 -26.10
C PHE D 182 36.15 5.37 -26.68
N GLY D 183 34.92 5.28 -27.17
CA GLY D 183 34.33 4.00 -27.54
C GLY D 183 33.02 3.71 -26.85
N ILE D 184 32.57 4.58 -25.97
CA ILE D 184 31.36 4.28 -25.21
C ILE D 184 30.11 4.55 -26.04
N LEU D 185 30.15 5.49 -26.97
CA LEU D 185 28.98 5.71 -27.79
C LEU D 185 29.38 6.23 -29.16
N ASP D 186 28.38 6.29 -30.04
CA ASP D 186 28.66 6.45 -31.45
C ASP D 186 28.17 7.77 -31.99
N LYS D 187 27.26 8.44 -31.30
CA LYS D 187 26.64 9.67 -31.78
C LYS D 187 26.13 10.48 -30.58
N VAL D 188 26.17 11.82 -30.71
CA VAL D 188 25.52 12.73 -29.75
C VAL D 188 24.58 13.66 -30.51
N LEU D 189 23.28 13.55 -30.25
CA LEU D 189 22.27 14.26 -31.03
C LEU D 189 21.59 15.35 -30.20
N VAL D 190 21.07 16.36 -30.90
CA VAL D 190 20.44 17.51 -30.27
C VAL D 190 18.94 17.65 -30.58
N HIS D 191 18.48 17.11 -31.73
CA HIS D 191 17.10 17.02 -32.20
C HIS D 191 16.98 15.71 -32.98
N PRO D 192 15.80 15.32 -33.45
CA PRO D 192 15.75 14.19 -34.38
C PRO D 192 16.61 14.47 -35.59
N PRO D 193 17.20 13.42 -36.21
CA PRO D 193 17.80 13.58 -37.54
C PRO D 193 16.79 13.42 -38.67
N LEU E 2 6.44 -0.29 -11.07
CA LEU E 2 5.48 -0.39 -12.17
C LEU E 2 5.82 -1.63 -12.98
N ILE E 3 4.82 -2.45 -13.27
CA ILE E 3 4.99 -3.61 -14.13
C ILE E 3 4.12 -3.44 -15.37
N PRO E 4 4.70 -3.37 -16.56
CA PRO E 4 3.95 -2.97 -17.75
C PRO E 4 2.99 -4.06 -18.21
N ILE E 5 2.16 -3.70 -19.20
CA ILE E 5 1.12 -4.58 -19.73
C ILE E 5 1.35 -4.79 -21.22
N VAL E 6 1.35 -6.06 -21.65
CA VAL E 6 1.57 -6.42 -23.05
C VAL E 6 0.27 -6.95 -23.63
N VAL E 7 0.07 -6.77 -24.94
CA VAL E 7 -1.21 -7.12 -25.58
C VAL E 7 -1.22 -8.09 -26.75
N GLU E 8 -2.31 -8.83 -26.90
CA GLU E 8 -2.47 -9.76 -28.02
C GLU E 8 -3.85 -9.70 -28.66
N ARG E 15 -5.85 -10.10 -25.57
CA ARG E 15 -6.10 -10.05 -24.14
C ARG E 15 -5.10 -9.13 -23.46
N ALA E 16 -5.44 -8.68 -22.25
CA ALA E 16 -4.48 -7.94 -21.45
C ALA E 16 -3.60 -8.92 -20.69
N TYR E 17 -2.35 -8.53 -20.49
CA TYR E 17 -1.36 -9.45 -19.94
C TYR E 17 -0.23 -8.62 -19.32
N ASP E 18 -0.10 -8.67 -18.00
CA ASP E 18 1.11 -8.15 -17.39
C ASP E 18 2.29 -9.03 -17.77
N ILE E 19 3.47 -8.41 -17.87
CA ILE E 19 4.59 -9.10 -18.49
C ILE E 19 5.05 -10.29 -17.67
N TYR E 20 4.81 -10.31 -16.37
CA TYR E 20 5.23 -11.49 -15.65
C TYR E 20 4.29 -12.65 -15.93
N SER E 21 3.00 -12.37 -16.13
CA SER E 21 2.10 -13.43 -16.57
C SER E 21 2.36 -13.81 -18.00
N ARG E 22 2.66 -12.82 -18.86
CA ARG E 22 2.97 -13.17 -20.24
C ARG E 22 4.11 -14.19 -20.32
N LEU E 23 5.09 -14.10 -19.41
CA LEU E 23 6.15 -15.11 -19.34
C LEU E 23 5.61 -16.46 -18.91
N LEU E 24 4.67 -16.47 -17.96
CA LEU E 24 4.07 -17.72 -17.55
C LEU E 24 3.29 -18.39 -18.68
N ARG E 25 2.72 -17.61 -19.61
CA ARG E 25 2.03 -18.21 -20.74
C ARG E 25 3.03 -18.85 -21.69
N GLU E 26 4.31 -18.47 -21.61
CA GLU E 26 5.40 -19.09 -22.36
C GLU E 26 6.00 -20.31 -21.65
N ARG E 27 5.57 -20.58 -20.41
CA ARG E 27 6.08 -21.65 -19.55
C ARG E 27 7.42 -21.26 -18.91
N ILE E 28 7.54 -20.01 -18.50
CA ILE E 28 8.75 -19.49 -17.87
C ILE E 28 8.43 -19.16 -16.43
N VAL E 29 8.97 -19.96 -15.51
CA VAL E 29 8.90 -19.68 -14.08
C VAL E 29 10.15 -18.92 -13.67
N CYS E 30 9.98 -17.75 -13.06
CA CYS E 30 11.12 -16.96 -12.63
C CYS E 30 11.54 -17.33 -11.22
N VAL E 31 12.86 -17.28 -10.97
CA VAL E 31 13.41 -17.40 -9.63
C VAL E 31 14.42 -16.27 -9.45
N MET E 32 14.11 -15.09 -9.96
CA MET E 32 14.78 -13.89 -9.50
C MET E 32 14.62 -13.76 -7.97
N GLY E 33 15.54 -13.05 -7.34
CA GLY E 33 15.39 -12.78 -5.94
C GLY E 33 15.81 -13.94 -5.06
N PRO E 34 15.86 -13.73 -3.74
CA PRO E 34 16.17 -14.82 -2.82
C PRO E 34 15.00 -15.78 -2.64
N ILE E 35 15.29 -16.90 -1.97
CA ILE E 35 14.32 -17.96 -1.76
C ILE E 35 13.87 -17.98 -0.30
N ASP E 36 12.60 -17.66 -0.08
CA ASP E 36 11.90 -17.85 1.18
C ASP E 36 10.68 -18.71 0.91
N ASP E 37 9.91 -19.03 1.96
CA ASP E 37 8.76 -19.91 1.78
C ASP E 37 7.80 -19.39 0.71
N SER E 38 7.65 -18.07 0.60
CA SER E 38 6.65 -17.55 -0.31
C SER E 38 7.06 -17.71 -1.76
N VAL E 39 8.34 -17.48 -2.06
CA VAL E 39 8.83 -17.75 -3.42
C VAL E 39 8.65 -19.22 -3.76
N ALA E 40 9.00 -20.09 -2.82
CA ALA E 40 8.80 -21.53 -2.97
C ALA E 40 7.34 -21.85 -3.27
N SER E 41 6.42 -21.36 -2.44
CA SER E 41 4.98 -21.46 -2.70
C SER E 41 4.58 -20.90 -4.08
N LEU E 42 5.03 -19.69 -4.41
CA LEU E 42 4.62 -19.08 -5.67
C LEU E 42 5.26 -19.77 -6.87
N VAL E 43 6.41 -20.41 -6.69
CA VAL E 43 7.01 -21.16 -7.78
C VAL E 43 6.35 -22.52 -7.94
N ILE E 44 6.19 -23.23 -6.82
CA ILE E 44 5.60 -24.56 -6.87
C ILE E 44 4.23 -24.49 -7.53
N ALA E 45 3.49 -23.40 -7.30
CA ALA E 45 2.16 -23.27 -7.88
C ALA E 45 2.21 -23.13 -9.38
N GLN E 46 3.25 -22.48 -9.89
CA GLN E 46 3.40 -22.33 -11.33
C GLN E 46 3.94 -23.60 -11.97
N LEU E 47 4.80 -24.32 -11.26
CA LEU E 47 5.27 -25.61 -11.74
C LEU E 47 4.10 -26.57 -11.94
N LEU E 48 3.27 -26.75 -10.91
CA LEU E 48 2.11 -27.60 -11.03
C LEU E 48 1.14 -27.10 -12.09
N PHE E 49 0.92 -25.78 -12.13
CA PHE E 49 -0.02 -25.25 -13.12
C PHE E 49 0.37 -25.67 -14.51
N LEU E 50 1.61 -25.41 -14.88
CA LEU E 50 2.09 -25.74 -16.21
C LEU E 50 2.05 -27.25 -16.46
N GLN E 51 2.34 -28.06 -15.45
CA GLN E 51 2.30 -29.50 -15.69
C GLN E 51 0.91 -29.97 -15.91
N SER E 52 -0.04 -29.48 -15.11
CA SER E 52 -1.46 -29.72 -15.39
C SER E 52 -1.77 -29.45 -16.86
N GLU E 53 -1.44 -28.22 -17.32
CA GLU E 53 -1.43 -27.81 -18.73
C GLU E 53 -0.97 -28.90 -19.69
N SER E 54 0.17 -29.55 -19.38
CA SER E 54 0.80 -30.54 -20.24
C SER E 54 2.01 -31.15 -19.53
N ASN E 55 1.96 -32.45 -19.24
CA ASN E 55 3.09 -33.11 -18.61
C ASN E 55 4.19 -33.54 -19.60
N LYS E 56 4.18 -33.00 -20.81
CA LYS E 56 5.27 -33.26 -21.73
C LYS E 56 6.01 -31.99 -22.10
N LYS E 57 5.30 -30.87 -22.22
CA LYS E 57 5.96 -29.66 -22.67
C LYS E 57 7.03 -29.24 -21.66
N PRO E 58 8.22 -28.86 -22.12
CA PRO E 58 9.23 -28.38 -21.21
C PRO E 58 8.74 -27.14 -20.47
N ILE E 59 9.23 -27.00 -19.25
CA ILE E 59 9.08 -25.83 -18.40
C ILE E 59 10.43 -25.15 -18.40
N HIS E 60 10.43 -23.82 -18.27
CA HIS E 60 11.68 -23.09 -18.10
C HIS E 60 11.73 -22.36 -16.75
N MET E 61 12.82 -22.62 -16.01
CA MET E 61 13.14 -21.96 -14.74
C MET E 61 14.27 -20.97 -15.03
N TYR E 62 13.96 -19.67 -14.96
CA TYR E 62 14.97 -18.63 -15.00
C TYR E 62 15.46 -18.38 -13.58
N ILE E 63 16.72 -18.70 -13.31
CA ILE E 63 17.29 -18.56 -11.97
C ILE E 63 18.29 -17.42 -11.99
N ASN E 64 18.16 -16.55 -11.00
CA ASN E 64 19.04 -15.41 -10.73
C ASN E 64 18.87 -15.08 -9.27
N SER E 65 19.53 -15.84 -8.41
CA SER E 65 19.20 -15.94 -7.02
C SER E 65 20.50 -15.91 -6.22
N PRO E 66 20.52 -15.17 -5.11
CA PRO E 66 21.65 -15.25 -4.17
C PRO E 66 21.53 -16.39 -3.19
N GLY E 67 20.38 -17.05 -3.14
CA GLY E 67 20.11 -18.18 -2.27
C GLY E 67 18.80 -18.00 -1.53
N GLY E 68 18.65 -18.74 -0.45
CA GLY E 68 17.47 -18.60 0.37
C GLY E 68 17.37 -19.68 1.42
N VAL E 69 16.20 -19.69 2.08
CA VAL E 69 15.91 -20.65 3.14
C VAL E 69 16.07 -22.06 2.61
N VAL E 70 16.90 -22.86 3.27
CA VAL E 70 17.23 -24.18 2.70
C VAL E 70 15.97 -25.02 2.51
N THR E 71 15.10 -25.10 3.52
CA THR E 71 13.93 -25.97 3.36
C THR E 71 13.08 -25.51 2.20
N ALA E 72 12.79 -24.20 2.15
CA ALA E 72 11.98 -23.64 1.08
C ALA E 72 12.54 -23.97 -0.31
N GLY E 73 13.86 -23.80 -0.49
CA GLY E 73 14.45 -24.21 -1.75
C GLY E 73 14.49 -25.72 -1.96
N LEU E 74 14.45 -26.51 -0.89
CA LEU E 74 14.24 -27.94 -1.05
C LEU E 74 12.84 -28.22 -1.60
N ALA E 75 11.82 -27.64 -1.00
CA ALA E 75 10.46 -27.75 -1.51
C ALA E 75 10.38 -27.59 -3.03
N ILE E 76 11.14 -26.66 -3.59
CA ILE E 76 11.09 -26.48 -5.04
C ILE E 76 11.82 -27.60 -5.75
N TYR E 77 13.01 -27.96 -5.27
CA TYR E 77 13.70 -29.12 -5.85
C TYR E 77 12.79 -30.34 -5.87
N ASP E 78 12.08 -30.60 -4.77
CA ASP E 78 11.20 -31.77 -4.72
C ASP E 78 10.04 -31.63 -5.68
N THR E 79 9.54 -30.42 -5.91
CA THR E 79 8.49 -30.26 -6.92
C THR E 79 9.04 -30.53 -8.31
N MET E 80 10.23 -29.99 -8.61
CA MET E 80 10.88 -30.27 -9.89
C MET E 80 10.98 -31.75 -10.17
N GLN E 81 11.56 -32.50 -9.22
CA GLN E 81 11.76 -33.92 -9.43
C GLN E 81 10.44 -34.65 -9.59
N TYR E 82 9.37 -34.14 -8.96
CA TYR E 82 8.05 -34.77 -9.03
C TYR E 82 7.39 -34.54 -10.38
N ILE E 83 7.42 -33.31 -10.89
CA ILE E 83 6.80 -33.09 -12.19
C ILE E 83 7.55 -33.93 -13.25
N LEU E 84 6.81 -34.28 -14.30
CA LEU E 84 7.25 -35.13 -15.38
C LEU E 84 7.96 -34.35 -16.44
N ASN E 85 7.72 -33.04 -16.47
CA ASN E 85 8.13 -32.24 -17.60
C ASN E 85 9.65 -32.22 -17.67
N PRO E 86 10.20 -32.31 -18.86
CA PRO E 86 11.52 -31.76 -19.10
C PRO E 86 11.60 -30.38 -18.46
N ILE E 87 12.58 -30.12 -17.60
CA ILE E 87 12.77 -28.78 -17.04
C ILE E 87 14.11 -28.26 -17.53
N CYS E 88 14.07 -27.09 -18.17
CA CYS E 88 15.26 -26.35 -18.59
C CYS E 88 15.50 -25.22 -17.60
N THR E 89 16.70 -25.20 -17.03
CA THR E 89 17.12 -24.18 -16.09
C THR E 89 18.09 -23.24 -16.78
N TRP E 90 17.90 -21.94 -16.59
CA TRP E 90 18.79 -20.92 -17.15
C TRP E 90 19.32 -20.04 -16.01
N CYS E 91 20.64 -19.94 -15.90
CA CYS E 91 21.27 -19.06 -14.93
C CYS E 91 21.73 -17.79 -15.63
N VAL E 92 21.14 -16.66 -15.24
CA VAL E 92 21.64 -15.35 -15.61
C VAL E 92 21.97 -14.59 -14.33
N GLY E 93 22.91 -13.66 -14.43
CA GLY E 93 23.38 -13.02 -13.22
C GLY E 93 24.15 -13.97 -12.33
N GLN E 94 23.46 -14.71 -11.48
CA GLN E 94 24.17 -15.63 -10.62
C GLN E 94 23.21 -16.69 -10.11
N ALA E 95 23.76 -17.84 -9.72
CA ALA E 95 23.03 -18.89 -9.00
C ALA E 95 23.88 -19.33 -7.82
N ALA E 96 23.54 -18.84 -6.63
CA ALA E 96 24.37 -19.01 -5.45
C ALA E 96 23.66 -19.87 -4.42
N SER E 97 24.43 -20.72 -3.74
CA SER E 97 23.92 -21.72 -2.82
C SER E 97 22.61 -22.34 -3.34
N MET E 98 21.51 -22.27 -2.57
CA MET E 98 20.29 -22.98 -2.96
C MET E 98 19.91 -22.70 -4.39
N GLY E 99 20.19 -21.48 -4.86
CA GLY E 99 19.96 -21.17 -6.25
C GLY E 99 20.70 -22.09 -7.21
N SER E 100 21.95 -22.43 -6.89
CA SER E 100 22.66 -23.26 -7.85
C SER E 100 22.23 -24.71 -7.75
N LEU E 101 21.76 -25.15 -6.58
CA LEU E 101 21.14 -26.45 -6.47
C LEU E 101 19.97 -26.59 -7.45
N LEU E 102 19.00 -25.67 -7.38
CA LEU E 102 17.92 -25.63 -8.39
C LEU E 102 18.47 -25.65 -9.80
N LEU E 103 19.47 -24.80 -10.08
CA LEU E 103 20.14 -24.76 -11.38
C LEU E 103 20.66 -26.13 -11.75
N ALA E 104 21.34 -26.77 -10.80
CA ALA E 104 21.94 -28.07 -10.99
C ALA E 104 20.92 -29.19 -11.20
N ALA E 105 19.63 -28.93 -10.95
CA ALA E 105 18.62 -29.98 -10.96
C ALA E 105 17.63 -29.86 -12.13
N GLY E 106 17.95 -29.10 -13.17
CA GLY E 106 17.20 -29.19 -14.41
C GLY E 106 17.24 -30.60 -14.97
N THR E 107 16.45 -30.83 -16.04
CA THR E 107 16.72 -32.21 -16.43
C THR E 107 17.96 -32.26 -17.34
N PRO E 108 18.69 -33.38 -17.33
CA PRO E 108 20.02 -33.43 -17.95
C PRO E 108 20.10 -32.92 -19.37
N GLY E 109 21.21 -32.27 -19.68
CA GLY E 109 21.39 -31.75 -21.01
C GLY E 109 20.58 -30.54 -21.30
N MET E 110 19.89 -29.99 -20.32
CA MET E 110 19.08 -28.80 -20.57
C MET E 110 19.42 -27.65 -19.61
N ARG E 111 20.55 -27.71 -18.90
CA ARG E 111 20.90 -26.69 -17.92
C ARG E 111 21.84 -25.67 -18.56
N HIS E 112 21.38 -24.44 -18.67
CA HIS E 112 22.15 -23.44 -19.36
C HIS E 112 22.55 -22.34 -18.39
N SER E 113 23.69 -21.71 -18.66
CA SER E 113 24.03 -20.40 -18.13
C SER E 113 24.25 -19.44 -19.29
N LEU E 114 24.28 -18.17 -18.98
CA LEU E 114 24.79 -17.20 -19.92
C LEU E 114 26.27 -17.01 -19.65
N PRO E 115 27.01 -16.27 -20.52
CA PRO E 115 28.47 -16.28 -20.38
C PRO E 115 28.97 -15.62 -19.10
N ASN E 116 28.46 -14.45 -18.75
CA ASN E 116 29.00 -13.67 -17.64
C ASN E 116 28.43 -14.04 -16.29
N SER E 117 27.64 -15.10 -16.22
CA SER E 117 27.01 -15.42 -14.95
C SER E 117 28.03 -16.02 -13.98
N ARG E 118 27.63 -16.06 -12.70
CA ARG E 118 28.47 -16.53 -11.62
C ARG E 118 27.71 -17.63 -10.88
N ILE E 119 28.44 -18.60 -10.34
CA ILE E 119 27.85 -19.80 -9.76
C ILE E 119 28.66 -20.25 -8.55
N MET E 120 28.02 -20.32 -7.39
CA MET E 120 28.63 -20.78 -6.16
C MET E 120 27.80 -21.86 -5.49
N ILE E 121 28.44 -22.96 -5.08
CA ILE E 121 27.76 -23.96 -4.26
C ILE E 121 28.24 -23.95 -2.83
N HIS E 122 29.12 -23.04 -2.48
CA HIS E 122 29.38 -22.77 -1.08
C HIS E 122 28.06 -22.46 -0.37
N GLN E 123 27.82 -23.13 0.72
CA GLN E 123 26.73 -22.63 1.54
C GLN E 123 27.22 -21.46 2.38
N PRO E 124 26.55 -20.32 2.34
CA PRO E 124 26.91 -19.22 3.24
C PRO E 124 26.40 -19.42 4.67
N SER E 125 27.14 -18.82 5.60
CA SER E 125 26.89 -18.96 7.04
C SER E 125 25.63 -18.20 7.50
N ALA E 132 18.57 -17.70 5.33
CA ALA E 132 19.05 -18.50 6.45
C ALA E 132 18.12 -19.65 6.90
N THR E 133 17.32 -19.39 7.94
CA THR E 133 16.61 -20.43 8.67
C THR E 133 15.15 -20.03 8.90
N ASP E 134 14.27 -21.04 8.89
CA ASP E 134 12.92 -20.96 9.47
C ASP E 134 12.95 -21.64 10.83
N ILE E 135 13.26 -20.85 11.86
CA ILE E 135 13.38 -21.14 13.31
C ILE E 135 14.79 -21.66 13.61
N ALA E 136 15.39 -21.19 14.71
CA ALA E 136 16.72 -21.63 15.10
C ALA E 136 16.70 -23.12 15.42
N ILE E 137 17.80 -23.81 15.07
CA ILE E 137 17.81 -25.27 15.07
C ILE E 137 19.11 -25.76 15.71
N GLN E 138 19.09 -27.03 16.12
CA GLN E 138 20.23 -27.68 16.74
C GLN E 138 21.35 -27.94 15.73
N ALA E 139 22.51 -28.35 16.23
CA ALA E 139 23.67 -28.54 15.37
C ALA E 139 23.52 -29.76 14.47
N GLU E 140 23.11 -30.89 15.04
CA GLU E 140 22.91 -32.09 14.25
C GLU E 140 21.93 -31.84 13.10
N GLU E 141 20.93 -31.02 13.38
CA GLU E 141 19.94 -30.70 12.36
C GLU E 141 20.52 -29.83 11.26
N ILE E 142 21.56 -29.03 11.55
CA ILE E 142 22.18 -28.33 10.45
C ILE E 142 22.99 -29.30 9.61
N MET E 143 23.55 -30.34 10.21
CA MET E 143 24.25 -31.29 9.36
C MET E 143 23.26 -32.14 8.57
N LYS E 144 22.17 -32.58 9.22
CA LYS E 144 21.17 -33.35 8.51
C LYS E 144 20.79 -32.65 7.22
N LEU E 145 20.70 -31.32 7.25
CA LEU E 145 20.41 -30.55 6.04
C LEU E 145 21.62 -30.51 5.09
N LYS E 146 22.76 -30.05 5.59
CA LYS E 146 23.97 -30.01 4.77
C LYS E 146 24.18 -31.33 4.02
N LYS E 147 24.09 -32.45 4.74
CA LYS E 147 24.29 -33.75 4.10
C LYS E 147 23.26 -34.02 3.00
N GLN E 148 22.01 -33.57 3.18
CA GLN E 148 21.03 -33.63 2.08
C GLN E 148 21.50 -32.86 0.86
N LEU E 149 22.10 -31.67 1.09
CA LEU E 149 22.53 -30.84 -0.03
C LEU E 149 23.78 -31.39 -0.70
N TYR E 150 24.64 -32.05 0.07
CA TYR E 150 25.67 -32.89 -0.54
C TYR E 150 25.03 -33.93 -1.45
N ASN E 151 24.29 -34.86 -0.85
CA ASN E 151 23.69 -35.97 -1.60
C ASN E 151 22.91 -35.48 -2.81
N ILE E 152 22.14 -34.39 -2.66
CA ILE E 152 21.48 -33.84 -3.84
C ILE E 152 22.51 -33.39 -4.85
N TYR E 153 23.50 -32.60 -4.43
CA TYR E 153 24.47 -32.09 -5.39
C TYR E 153 25.24 -33.21 -6.09
N ALA E 154 25.71 -34.22 -5.33
CA ALA E 154 26.51 -35.27 -5.94
C ALA E 154 25.71 -35.99 -7.01
N LYS E 155 24.41 -36.16 -6.78
CA LYS E 155 23.56 -36.85 -7.74
C LYS E 155 23.55 -36.14 -9.08
N HIS E 156 23.25 -34.85 -9.09
CA HIS E 156 23.07 -34.14 -10.35
C HIS E 156 24.36 -33.69 -11.02
N THR E 157 25.49 -33.80 -10.32
CA THR E 157 26.82 -33.57 -10.91
C THR E 157 27.58 -34.86 -11.20
N LYS E 158 27.15 -35.97 -10.60
CA LYS E 158 27.75 -37.28 -10.74
C LYS E 158 29.08 -37.31 -9.99
N GLN E 159 29.51 -36.16 -9.48
CA GLN E 159 30.71 -36.12 -8.67
C GLN E 159 30.48 -36.90 -7.38
N SER E 160 31.59 -37.28 -6.75
CA SER E 160 31.50 -38.04 -5.50
C SER E 160 31.15 -37.13 -4.33
N LEU E 161 30.79 -37.74 -3.20
CA LEU E 161 30.55 -36.92 -2.02
C LEU E 161 31.82 -36.19 -1.60
N GLN E 162 32.93 -36.91 -1.47
CA GLN E 162 34.15 -36.23 -1.06
C GLN E 162 34.60 -35.22 -2.12
N VAL E 163 34.02 -35.25 -3.31
CA VAL E 163 34.32 -34.23 -4.29
C VAL E 163 33.32 -33.07 -4.19
N ILE E 164 32.10 -33.36 -3.74
CA ILE E 164 31.13 -32.31 -3.46
C ILE E 164 31.48 -31.58 -2.16
N GLU E 165 31.93 -32.35 -1.16
CA GLU E 165 32.17 -31.80 0.18
C GLU E 165 33.31 -30.81 0.17
N SER E 166 34.46 -31.22 -0.37
CA SER E 166 35.61 -30.32 -0.42
C SER E 166 35.35 -29.16 -1.37
N ALA E 167 34.57 -29.39 -2.42
CA ALA E 167 34.10 -28.32 -3.28
C ALA E 167 33.40 -27.23 -2.48
N MET E 168 32.26 -27.56 -1.86
CA MET E 168 31.44 -26.55 -1.19
C MET E 168 32.17 -25.87 -0.04
N GLU E 169 33.31 -26.42 0.40
CA GLU E 169 34.14 -25.76 1.39
C GLU E 169 34.67 -24.43 0.88
N ARG E 170 35.18 -24.41 -0.36
CA ARG E 170 35.84 -23.23 -0.91
C ARG E 170 34.84 -22.11 -1.17
N ASP E 171 35.10 -20.95 -0.57
CA ASP E 171 34.15 -19.83 -0.58
C ASP E 171 34.33 -18.97 -1.82
N ARG E 172 34.10 -19.58 -2.99
CA ARG E 172 34.38 -18.93 -4.27
C ARG E 172 33.23 -19.13 -5.25
N TYR E 173 33.37 -18.52 -6.42
CA TYR E 173 32.44 -18.60 -7.54
C TYR E 173 33.10 -19.29 -8.73
N MET E 174 32.34 -20.16 -9.40
CA MET E 174 32.76 -20.76 -10.67
C MET E 174 32.34 -19.92 -11.86
N SER E 175 33.22 -19.84 -12.86
CA SER E 175 32.76 -19.44 -14.16
C SER E 175 31.72 -20.45 -14.62
N PRO E 176 30.88 -20.07 -15.57
CA PRO E 176 30.00 -21.08 -16.16
C PRO E 176 30.73 -22.22 -16.85
N MET E 177 31.86 -21.97 -17.52
CA MET E 177 32.56 -23.11 -18.12
C MET E 177 33.15 -24.02 -17.07
N GLU E 178 33.61 -23.44 -15.98
CA GLU E 178 34.01 -24.22 -14.84
C GLU E 178 32.82 -24.94 -14.22
N ALA E 179 31.63 -24.34 -14.32
CA ALA E 179 30.42 -25.00 -13.86
C ALA E 179 29.97 -26.08 -14.81
N GLN E 180 30.19 -25.89 -16.11
CA GLN E 180 29.88 -26.95 -17.04
C GLN E 180 30.73 -28.17 -16.75
N GLU E 181 32.04 -28.00 -16.54
CA GLU E 181 32.91 -29.15 -16.34
C GLU E 181 32.62 -29.86 -15.03
N PHE E 182 32.15 -29.14 -14.01
CA PHE E 182 31.94 -29.76 -12.71
C PHE E 182 30.70 -30.63 -12.67
N GLY E 183 29.80 -30.46 -13.61
CA GLY E 183 28.55 -31.18 -13.53
C GLY E 183 27.37 -30.35 -13.08
N ILE E 184 27.56 -29.06 -12.90
CA ILE E 184 26.42 -28.25 -12.50
C ILE E 184 25.59 -27.85 -13.71
N LEU E 185 26.16 -27.80 -14.91
CA LEU E 185 25.33 -27.47 -16.07
C LEU E 185 25.86 -28.15 -17.34
N ASP E 186 25.19 -27.87 -18.46
CA ASP E 186 25.41 -28.57 -19.73
C ASP E 186 25.69 -27.65 -20.91
N LYS E 187 25.20 -26.42 -20.90
CA LYS E 187 25.38 -25.57 -22.07
C LYS E 187 25.74 -24.18 -21.60
N VAL E 188 26.64 -23.51 -22.30
CA VAL E 188 27.08 -22.14 -21.96
C VAL E 188 27.04 -21.30 -23.23
N LEU E 189 25.94 -20.61 -23.46
CA LEU E 189 25.62 -20.13 -24.79
C LEU E 189 25.53 -18.61 -24.85
N VAL E 190 26.03 -18.06 -25.95
CA VAL E 190 26.15 -16.62 -26.15
C VAL E 190 24.86 -16.02 -26.73
N HIS E 191 24.26 -16.71 -27.73
CA HIS E 191 23.08 -16.32 -28.51
C HIS E 191 22.14 -17.52 -28.66
N PRO E 192 20.88 -17.36 -29.12
CA PRO E 192 20.07 -18.59 -29.18
C PRO E 192 20.38 -19.46 -30.39
N LEU F 2 3.95 -10.25 -5.89
CA LEU F 2 3.63 -10.17 -7.32
C LEU F 2 3.09 -11.49 -7.87
N ILE F 3 1.77 -11.62 -7.86
CA ILE F 3 1.09 -12.90 -8.09
C ILE F 3 0.69 -12.99 -9.56
N PRO F 4 1.03 -14.06 -10.27
CA PRO F 4 0.71 -14.16 -11.69
C PRO F 4 -0.76 -14.47 -11.94
N ILE F 5 -1.23 -14.13 -13.17
CA ILE F 5 -2.58 -14.43 -13.69
C ILE F 5 -2.53 -15.58 -14.69
N VAL F 6 -3.58 -16.41 -14.68
CA VAL F 6 -3.71 -17.50 -15.64
C VAL F 6 -5.12 -17.51 -16.18
N VAL F 7 -5.25 -17.96 -17.43
CA VAL F 7 -6.50 -17.91 -18.17
C VAL F 7 -6.98 -19.34 -18.41
N GLU F 8 -8.30 -19.53 -18.41
CA GLU F 8 -8.87 -20.86 -18.61
C GLU F 8 -10.40 -20.77 -18.72
N GLY F 13 -17.03 -20.24 -21.66
CA GLY F 13 -16.03 -19.36 -22.26
C GLY F 13 -14.65 -19.37 -21.61
N GLU F 14 -13.91 -18.26 -21.81
CA GLU F 14 -12.66 -17.99 -21.13
C GLU F 14 -12.87 -17.31 -19.78
N ARG F 15 -12.03 -17.64 -18.82
CA ARG F 15 -12.04 -17.02 -17.51
C ARG F 15 -10.59 -16.82 -17.08
N ALA F 16 -10.35 -15.81 -16.24
CA ALA F 16 -9.00 -15.52 -15.73
C ALA F 16 -9.00 -15.50 -14.20
N TYR F 17 -8.11 -16.28 -13.61
CA TYR F 17 -7.93 -16.31 -12.17
C TYR F 17 -6.55 -15.72 -11.84
N ASP F 18 -6.34 -15.40 -10.58
CA ASP F 18 -4.95 -15.42 -10.16
C ASP F 18 -4.56 -16.85 -9.85
N ILE F 19 -3.23 -17.09 -9.78
CA ILE F 19 -2.79 -18.47 -9.63
C ILE F 19 -3.13 -19.05 -8.27
N TYR F 20 -3.32 -18.22 -7.25
CA TYR F 20 -3.74 -18.83 -6.00
C TYR F 20 -5.23 -19.17 -6.04
N SER F 21 -6.05 -18.25 -6.56
CA SER F 21 -7.46 -18.56 -6.79
C SER F 21 -7.60 -19.78 -7.68
N ARG F 22 -6.70 -19.94 -8.66
CA ARG F 22 -6.70 -21.15 -9.48
C ARG F 22 -6.40 -22.41 -8.66
N LEU F 23 -5.46 -22.35 -7.71
CA LEU F 23 -5.25 -23.55 -6.89
C LEU F 23 -6.46 -23.93 -6.08
N LEU F 24 -7.37 -22.99 -5.79
CA LEU F 24 -8.56 -23.33 -5.02
C LEU F 24 -9.62 -23.98 -5.90
N ARG F 25 -9.65 -23.68 -7.20
CA ARG F 25 -10.54 -24.43 -8.07
C ARG F 25 -10.18 -25.91 -8.02
N GLU F 26 -8.90 -26.21 -8.27
CA GLU F 26 -8.32 -27.54 -8.07
C GLU F 26 -8.47 -28.13 -6.68
N ARG F 27 -9.26 -27.50 -5.80
CA ARG F 27 -9.51 -27.99 -4.44
C ARG F 27 -8.25 -28.08 -3.60
N ILE F 28 -7.32 -27.11 -3.75
CA ILE F 28 -6.08 -27.08 -2.97
C ILE F 28 -6.11 -25.87 -2.06
N VAL F 29 -6.02 -26.11 -0.76
CA VAL F 29 -5.83 -25.05 0.21
C VAL F 29 -4.36 -25.11 0.63
N CYS F 30 -3.67 -23.97 0.53
CA CYS F 30 -2.26 -23.86 0.91
C CYS F 30 -2.10 -23.37 2.36
N VAL F 31 -1.35 -24.12 3.15
CA VAL F 31 -0.92 -23.65 4.47
C VAL F 31 0.59 -23.50 4.49
N MET F 32 1.12 -22.58 3.68
CA MET F 32 2.54 -22.23 3.68
C MET F 32 2.75 -21.04 4.61
N GLY F 33 3.70 -21.14 5.51
CA GLY F 33 4.04 -19.99 6.32
C GLY F 33 3.61 -20.20 7.75
N PRO F 34 4.04 -19.31 8.63
CA PRO F 34 3.68 -19.45 10.04
C PRO F 34 2.19 -19.22 10.24
N ILE F 35 1.62 -19.93 11.22
CA ILE F 35 0.17 -19.99 11.41
C ILE F 35 -0.25 -18.96 12.46
N ASP F 36 -1.18 -18.07 12.10
CA ASP F 36 -1.81 -17.17 13.06
C ASP F 36 -3.32 -17.16 12.85
N ASP F 37 -4.00 -16.35 13.66
CA ASP F 37 -5.46 -16.30 13.61
C ASP F 37 -5.94 -15.93 12.21
N SER F 38 -5.20 -15.06 11.53
CA SER F 38 -5.61 -14.63 10.20
C SER F 38 -5.50 -15.76 9.19
N VAL F 39 -4.36 -16.46 9.16
CA VAL F 39 -4.23 -17.64 8.30
C VAL F 39 -5.36 -18.59 8.56
N ALA F 40 -5.56 -18.95 9.83
CA ALA F 40 -6.60 -19.90 10.21
C ALA F 40 -7.98 -19.44 9.75
N SER F 41 -8.27 -18.15 9.93
CA SER F 41 -9.51 -17.64 9.34
C SER F 41 -9.57 -17.99 7.85
N LEU F 42 -8.49 -17.74 7.11
CA LEU F 42 -8.47 -17.91 5.66
C LEU F 42 -8.49 -19.39 5.24
N VAL F 43 -7.76 -20.25 5.95
CA VAL F 43 -7.83 -21.68 5.71
C VAL F 43 -9.22 -22.21 5.97
N ILE F 44 -9.84 -21.80 7.07
CA ILE F 44 -11.15 -22.33 7.37
C ILE F 44 -12.13 -21.97 6.26
N ALA F 45 -12.11 -20.71 5.84
CA ALA F 45 -13.01 -20.25 4.78
C ALA F 45 -12.88 -21.13 3.56
N GLN F 46 -11.66 -21.33 3.10
CA GLN F 46 -11.41 -22.22 1.99
C GLN F 46 -11.94 -23.63 2.26
N LEU F 47 -11.71 -24.14 3.48
CA LEU F 47 -12.18 -25.50 3.77
C LEU F 47 -13.70 -25.61 3.76
N LEU F 48 -14.40 -24.66 4.38
CA LEU F 48 -15.85 -24.74 4.37
C LEU F 48 -16.44 -24.48 2.99
N PHE F 49 -15.75 -23.78 2.08
CA PHE F 49 -16.27 -23.59 0.73
C PHE F 49 -16.10 -24.84 -0.11
N LEU F 50 -14.92 -25.44 -0.01
CA LEU F 50 -14.64 -26.61 -0.82
C LEU F 50 -15.59 -27.75 -0.45
N GLN F 51 -16.07 -27.77 0.79
CA GLN F 51 -17.09 -28.73 1.21
C GLN F 51 -18.42 -28.41 0.56
N SER F 52 -18.82 -27.13 0.60
CA SER F 52 -20.11 -26.71 0.02
C SER F 52 -20.16 -26.87 -1.49
N GLU F 53 -19.03 -27.11 -2.15
CA GLU F 53 -18.97 -27.40 -3.57
C GLU F 53 -18.98 -28.88 -3.83
N SER F 54 -18.91 -29.70 -2.77
CA SER F 54 -18.88 -31.16 -2.81
C SER F 54 -18.32 -31.73 -1.54
N ASN F 55 -19.18 -32.24 -0.67
CA ASN F 55 -18.63 -32.76 0.57
C ASN F 55 -18.12 -34.19 0.48
N LYS F 56 -18.01 -34.76 -0.72
CA LYS F 56 -17.28 -36.00 -0.83
C LYS F 56 -16.02 -35.84 -1.66
N LYS F 57 -15.99 -34.87 -2.56
CA LYS F 57 -14.80 -34.65 -3.37
C LYS F 57 -13.66 -34.24 -2.46
N PRO F 58 -12.52 -34.92 -2.54
CA PRO F 58 -11.39 -34.62 -1.65
C PRO F 58 -10.88 -33.19 -1.78
N ILE F 59 -10.46 -32.66 -0.64
CA ILE F 59 -9.67 -31.44 -0.52
C ILE F 59 -8.22 -31.86 -0.32
N HIS F 60 -7.29 -31.17 -1.01
CA HIS F 60 -5.85 -31.28 -0.76
C HIS F 60 -5.35 -30.05 -0.01
N MET F 61 -4.57 -30.27 1.05
CA MET F 61 -3.98 -29.21 1.87
C MET F 61 -2.45 -29.32 1.76
N TYR F 62 -1.79 -28.24 1.32
CA TYR F 62 -0.32 -28.22 1.22
C TYR F 62 0.32 -27.54 2.42
N ILE F 63 1.20 -28.24 3.14
CA ILE F 63 1.71 -27.74 4.42
C ILE F 63 3.21 -27.53 4.30
N ASN F 64 3.64 -26.28 4.20
CA ASN F 64 5.05 -25.88 4.24
C ASN F 64 5.17 -24.82 5.35
N SER F 65 5.42 -25.26 6.58
CA SER F 65 5.22 -24.36 7.70
C SER F 65 6.13 -24.71 8.87
N PRO F 66 6.59 -23.69 9.61
CA PRO F 66 7.43 -23.92 10.78
C PRO F 66 6.66 -24.00 12.08
N GLY F 67 5.41 -23.56 12.10
CA GLY F 67 4.63 -23.55 13.33
C GLY F 67 3.60 -22.43 13.31
N GLY F 68 3.29 -21.92 14.49
CA GLY F 68 2.29 -20.87 14.61
C GLY F 68 1.63 -20.90 15.96
N VAL F 69 0.82 -19.88 16.20
CA VAL F 69 -0.09 -19.81 17.34
C VAL F 69 -0.66 -21.20 17.56
N VAL F 70 -0.82 -21.64 18.79
CA VAL F 70 -1.38 -22.97 18.93
C VAL F 70 -2.89 -22.95 18.81
N THR F 71 -3.56 -22.02 19.48
CA THR F 71 -5.01 -22.00 19.38
C THR F 71 -5.43 -21.87 17.94
N ALA F 72 -4.82 -20.94 17.19
CA ALA F 72 -5.08 -20.83 15.76
C ALA F 72 -4.80 -22.14 15.03
N GLY F 73 -3.83 -22.91 15.52
CA GLY F 73 -3.55 -24.19 14.87
C GLY F 73 -4.68 -25.17 15.11
N LEU F 74 -5.15 -25.27 16.36
CA LEU F 74 -6.27 -26.15 16.68
C LEU F 74 -7.53 -25.79 15.90
N ALA F 75 -7.74 -24.50 15.63
CA ALA F 75 -8.91 -24.06 14.89
C ALA F 75 -8.96 -24.67 13.51
N ILE F 76 -7.80 -24.93 12.92
CA ILE F 76 -7.77 -25.64 11.64
C ILE F 76 -8.04 -27.12 11.87
N TYR F 77 -7.26 -27.76 12.75
CA TYR F 77 -7.49 -29.17 13.06
C TYR F 77 -8.95 -29.45 13.36
N ASP F 78 -9.64 -28.51 14.00
CA ASP F 78 -11.04 -28.76 14.27
C ASP F 78 -11.88 -28.64 13.01
N THR F 79 -11.61 -27.63 12.18
CA THR F 79 -12.34 -27.56 10.93
C THR F 79 -11.97 -28.74 10.02
N MET F 80 -10.73 -29.23 10.12
CA MET F 80 -10.35 -30.48 9.46
C MET F 80 -11.28 -31.62 9.86
N GLN F 81 -11.25 -32.02 11.12
CA GLN F 81 -12.09 -33.12 11.58
C GLN F 81 -13.55 -32.91 11.24
N TYR F 82 -13.97 -31.66 11.12
CA TYR F 82 -15.39 -31.39 11.02
C TYR F 82 -15.91 -31.79 9.63
N ILE F 83 -15.35 -31.19 8.58
CA ILE F 83 -15.92 -31.35 7.24
C ILE F 83 -16.00 -32.82 6.81
N LEU F 84 -17.03 -33.10 6.00
CA LEU F 84 -17.26 -34.43 5.45
C LEU F 84 -16.18 -34.82 4.46
N ASN F 85 -15.57 -33.84 3.79
CA ASN F 85 -14.62 -34.14 2.73
C ASN F 85 -13.47 -34.95 3.29
N PRO F 86 -12.88 -35.84 2.49
CA PRO F 86 -11.59 -36.44 2.84
C PRO F 86 -10.54 -35.41 2.56
N ILE F 87 -9.43 -35.45 3.30
CA ILE F 87 -8.40 -34.42 3.13
C ILE F 87 -7.04 -35.07 2.90
N CYS F 88 -6.38 -34.66 1.84
CA CYS F 88 -5.06 -35.16 1.46
CA CYS F 88 -5.06 -35.16 1.44
C CYS F 88 -4.01 -34.17 1.91
N THR F 89 -3.17 -34.57 2.86
CA THR F 89 -2.13 -33.68 3.34
C THR F 89 -0.85 -33.94 2.57
N TRP F 90 -0.15 -32.85 2.27
CA TRP F 90 1.11 -32.83 1.56
C TRP F 90 2.11 -31.96 2.30
N CYS F 91 3.29 -32.49 2.60
CA CYS F 91 4.37 -31.72 3.23
C CYS F 91 5.54 -31.51 2.28
N VAL F 92 5.66 -30.28 1.77
CA VAL F 92 6.87 -29.82 1.09
C VAL F 92 7.58 -28.86 2.01
N GLY F 93 8.90 -28.83 1.89
CA GLY F 93 9.72 -27.96 2.72
C GLY F 93 9.87 -28.46 4.14
N GLN F 94 8.92 -28.11 4.99
CA GLN F 94 8.97 -28.52 6.39
C GLN F 94 7.56 -28.50 6.90
N ALA F 95 7.36 -29.25 7.98
CA ALA F 95 6.15 -29.18 8.78
C ALA F 95 6.58 -29.39 10.22
N ALA F 96 6.60 -28.31 11.01
CA ALA F 96 7.04 -28.35 12.39
C ALA F 96 5.93 -27.85 13.29
N SER F 97 5.92 -28.36 14.53
CA SER F 97 4.88 -28.01 15.50
C SER F 97 3.47 -28.12 14.94
N MET F 98 2.76 -27.00 14.83
CA MET F 98 1.39 -27.07 14.34
C MET F 98 1.35 -27.55 12.89
N GLY F 99 2.43 -27.35 12.14
CA GLY F 99 2.48 -27.89 10.78
C GLY F 99 2.45 -29.41 10.77
N SER F 100 3.18 -30.05 11.68
CA SER F 100 3.17 -31.50 11.73
C SER F 100 1.87 -32.02 12.31
N LEU F 101 1.19 -31.22 13.12
CA LEU F 101 -0.13 -31.60 13.60
C LEU F 101 -1.16 -31.53 12.48
N LEU F 102 -1.19 -30.41 11.74
CA LEU F 102 -2.08 -30.39 10.58
C LEU F 102 -1.70 -31.44 9.55
N LEU F 103 -0.40 -31.73 9.41
CA LEU F 103 0.04 -32.82 8.56
C LEU F 103 -0.48 -34.17 9.08
N ALA F 104 -0.26 -34.45 10.35
CA ALA F 104 -0.68 -35.75 10.85
C ALA F 104 -2.17 -35.83 11.06
N ALA F 105 -2.90 -34.74 10.84
CA ALA F 105 -4.34 -34.71 11.07
C ALA F 105 -5.16 -34.84 9.80
N GLY F 106 -4.54 -35.27 8.68
CA GLY F 106 -5.26 -35.57 7.47
C GLY F 106 -5.88 -36.96 7.53
N THR F 107 -6.65 -37.27 6.49
CA THR F 107 -7.38 -38.54 6.47
C THR F 107 -6.40 -39.70 6.52
N PRO F 108 -6.60 -40.67 7.41
CA PRO F 108 -5.81 -41.91 7.36
C PRO F 108 -5.43 -42.34 5.95
N GLY F 109 -4.14 -42.66 5.78
CA GLY F 109 -3.64 -43.17 4.51
C GLY F 109 -3.59 -42.19 3.38
N MET F 110 -4.02 -40.95 3.59
CA MET F 110 -3.80 -39.88 2.62
C MET F 110 -2.82 -38.81 3.10
N ARG F 111 -1.86 -39.17 3.96
CA ARG F 111 -0.91 -38.21 4.52
C ARG F 111 0.46 -38.36 3.85
N HIS F 112 0.90 -37.31 3.15
CA HIS F 112 2.06 -37.40 2.27
C HIS F 112 3.16 -36.42 2.66
N SER F 113 4.39 -36.83 2.42
CA SER F 113 5.52 -35.92 2.35
C SER F 113 6.23 -36.18 1.04
N LEU F 114 6.74 -35.12 0.42
CA LEU F 114 7.74 -35.32 -0.60
C LEU F 114 9.07 -35.66 0.09
N PRO F 115 10.09 -36.09 -0.68
CA PRO F 115 11.19 -36.81 -0.02
C PRO F 115 12.09 -35.96 0.86
N ASN F 116 12.40 -34.72 0.48
CA ASN F 116 13.42 -33.96 1.18
C ASN F 116 12.86 -33.09 2.34
N SER F 117 11.57 -33.21 2.66
CA SER F 117 10.96 -32.43 3.72
C SER F 117 11.58 -32.76 5.09
N ARG F 118 11.31 -31.89 6.08
CA ARG F 118 11.75 -32.07 7.45
C ARG F 118 10.55 -31.88 8.37
N ILE F 119 10.29 -32.88 9.22
CA ILE F 119 9.13 -32.89 10.10
C ILE F 119 9.58 -32.75 11.54
N MET F 120 8.85 -31.93 12.31
CA MET F 120 9.06 -31.84 13.75
C MET F 120 7.74 -31.71 14.46
N ILE F 121 7.57 -32.53 15.51
CA ILE F 121 6.43 -32.43 16.42
C ILE F 121 6.80 -31.76 17.73
N HIS F 122 8.10 -31.56 18.00
CA HIS F 122 8.57 -30.83 19.16
C HIS F 122 7.96 -29.43 19.19
N GLN F 123 7.54 -28.99 20.42
CA GLN F 123 7.05 -27.65 20.16
C GLN F 123 8.14 -26.64 20.53
N PRO F 124 8.16 -25.44 19.94
CA PRO F 124 9.19 -24.47 20.32
C PRO F 124 8.86 -23.84 21.65
N SER F 125 9.91 -23.50 22.40
CA SER F 125 9.75 -22.81 23.66
C SER F 125 9.76 -21.29 23.47
N THR F 133 0.63 -19.86 20.74
CA THR F 133 1.15 -18.78 21.56
C THR F 133 0.10 -17.71 21.98
N ASP F 134 -0.25 -16.78 21.08
CA ASP F 134 -1.23 -15.70 21.33
C ASP F 134 -0.87 -14.92 22.61
N ILE F 135 -1.88 -14.30 23.26
CA ILE F 135 -1.68 -13.47 24.47
C ILE F 135 -1.06 -14.29 25.61
N ALA F 136 -0.56 -13.58 26.63
CA ALA F 136 0.24 -14.21 27.67
C ALA F 136 -0.68 -14.97 28.63
N ILE F 137 -0.15 -16.05 29.21
CA ILE F 137 -0.98 -17.19 29.60
C ILE F 137 -0.42 -17.87 30.85
N GLN F 138 -1.32 -18.22 31.78
CA GLN F 138 -0.90 -18.85 33.03
C GLN F 138 -0.19 -20.18 32.78
N ALA F 139 0.51 -20.64 33.83
CA ALA F 139 1.27 -21.88 33.73
C ALA F 139 0.36 -23.05 33.42
N GLU F 140 -0.68 -23.24 34.24
CA GLU F 140 -1.57 -24.39 34.08
C GLU F 140 -2.26 -24.37 32.73
N GLU F 141 -2.71 -23.19 32.30
CA GLU F 141 -3.33 -23.09 30.98
C GLU F 141 -2.37 -23.52 29.86
N ILE F 142 -1.07 -23.38 30.05
CA ILE F 142 -0.17 -23.89 29.01
C ILE F 142 -0.15 -25.41 29.04
N MET F 143 0.12 -26.00 30.20
CA MET F 143 0.13 -27.44 30.28
C MET F 143 -1.21 -28.03 29.88
N LYS F 144 -2.31 -27.32 30.15
CA LYS F 144 -3.57 -27.67 29.51
C LYS F 144 -3.33 -27.84 28.01
N LEU F 145 -2.96 -26.77 27.28
CA LEU F 145 -2.81 -26.87 25.82
C LEU F 145 -1.82 -27.94 25.41
N LYS F 146 -0.66 -28.01 26.09
CA LYS F 146 0.30 -29.05 25.74
C LYS F 146 -0.36 -30.43 25.75
N LYS F 147 -1.06 -30.77 26.84
CA LYS F 147 -1.72 -32.08 26.96
C LYS F 147 -2.68 -32.33 25.79
N GLN F 148 -3.32 -31.27 25.25
CA GLN F 148 -4.19 -31.48 24.11
C GLN F 148 -3.38 -31.99 22.94
N LEU F 149 -2.26 -31.31 22.64
CA LEU F 149 -1.43 -31.73 21.54
C LEU F 149 -0.95 -33.16 21.75
N TYR F 150 -0.56 -33.49 22.98
CA TYR F 150 -0.21 -34.86 23.30
C TYR F 150 -1.31 -35.84 22.91
N ASN F 151 -2.59 -35.49 23.12
CA ASN F 151 -3.66 -36.42 22.75
C ASN F 151 -3.93 -36.45 21.25
N ILE F 152 -3.95 -35.28 20.57
CA ILE F 152 -4.14 -35.26 19.11
C ILE F 152 -3.04 -36.05 18.40
N TYR F 153 -1.78 -35.84 18.77
CA TYR F 153 -0.70 -36.57 18.08
C TYR F 153 -0.83 -38.07 18.32
N ALA F 154 -1.24 -38.44 19.55
CA ALA F 154 -1.44 -39.85 19.86
C ALA F 154 -2.53 -40.43 18.98
N LYS F 155 -3.66 -39.74 18.92
CA LYS F 155 -4.86 -40.19 18.23
C LYS F 155 -4.52 -40.69 16.84
N HIS F 156 -3.85 -39.85 16.04
CA HIS F 156 -3.61 -39.97 14.60
C HIS F 156 -2.39 -40.83 14.27
N THR F 157 -1.28 -40.66 15.01
CA THR F 157 -0.11 -41.51 14.79
C THR F 157 -0.33 -42.89 15.33
N LYS F 158 -1.29 -43.04 16.24
CA LYS F 158 -1.59 -44.29 16.93
C LYS F 158 -0.45 -44.65 17.87
N GLN F 159 0.16 -43.65 18.48
CA GLN F 159 1.17 -43.90 19.48
C GLN F 159 0.58 -43.61 20.85
N SER F 160 1.35 -43.99 21.89
CA SER F 160 0.85 -43.81 23.23
C SER F 160 1.14 -42.40 23.73
N LEU F 161 0.55 -42.06 24.86
CA LEU F 161 0.86 -40.76 25.42
C LEU F 161 2.34 -40.68 25.76
N GLN F 162 2.83 -41.58 26.63
CA GLN F 162 4.22 -41.48 27.08
C GLN F 162 5.17 -41.46 25.90
N VAL F 163 4.81 -42.10 24.80
CA VAL F 163 5.63 -42.11 23.60
C VAL F 163 5.63 -40.72 22.94
N ILE F 164 4.43 -40.20 22.65
CA ILE F 164 4.29 -38.85 22.10
C ILE F 164 4.97 -37.83 22.99
N GLU F 165 4.81 -37.98 24.31
CA GLU F 165 5.44 -37.05 25.25
C GLU F 165 6.95 -37.09 25.13
N SER F 166 7.54 -38.28 25.28
CA SER F 166 8.99 -38.41 25.18
C SER F 166 9.51 -38.02 23.81
N ALA F 167 8.70 -38.21 22.77
CA ALA F 167 9.13 -37.82 21.42
C ALA F 167 9.20 -36.30 21.30
N MET F 168 8.17 -35.60 21.76
CA MET F 168 8.19 -34.15 21.64
C MET F 168 9.17 -33.48 22.60
N GLU F 169 9.78 -34.24 23.51
CA GLU F 169 10.82 -33.68 24.37
C GLU F 169 12.13 -33.50 23.63
N ARG F 170 12.38 -34.31 22.61
CA ARG F 170 13.59 -34.23 21.81
C ARG F 170 13.50 -33.09 20.79
N ASP F 171 14.55 -32.25 20.72
CA ASP F 171 14.56 -31.05 19.88
C ASP F 171 15.16 -31.40 18.52
N ARG F 172 14.35 -32.01 17.68
CA ARG F 172 14.90 -32.54 16.45
C ARG F 172 13.83 -32.71 15.39
N TYR F 173 14.32 -32.71 14.14
CA TYR F 173 13.59 -32.91 12.91
C TYR F 173 13.77 -34.36 12.46
N MET F 174 12.71 -34.96 11.89
CA MET F 174 12.80 -36.32 11.40
C MET F 174 12.53 -36.36 9.90
N SER F 175 13.00 -37.47 9.25
CA SER F 175 12.90 -37.55 7.80
C SER F 175 11.56 -38.12 7.40
N PRO F 176 11.03 -37.78 6.21
CA PRO F 176 9.71 -38.29 5.86
C PRO F 176 9.61 -39.79 6.08
N MET F 177 10.66 -40.54 5.80
CA MET F 177 10.60 -41.98 6.11
C MET F 177 10.46 -42.22 7.60
N GLU F 178 11.24 -41.54 8.41
CA GLU F 178 11.14 -41.69 9.85
C GLU F 178 9.77 -41.23 10.37
N ALA F 179 9.21 -40.16 9.80
CA ALA F 179 7.91 -39.65 10.25
C ALA F 179 6.81 -40.65 9.93
N GLN F 180 6.81 -41.17 8.72
CA GLN F 180 5.96 -42.28 8.35
C GLN F 180 5.99 -43.37 9.41
N GLU F 181 7.16 -43.99 9.59
CA GLU F 181 7.33 -45.10 10.50
C GLU F 181 6.79 -44.78 11.90
N PHE F 182 6.70 -43.49 12.26
CA PHE F 182 6.16 -43.06 13.54
C PHE F 182 4.64 -42.91 13.56
N GLY F 183 4.01 -42.64 12.42
CA GLY F 183 2.59 -42.42 12.38
C GLY F 183 2.19 -41.04 11.89
N ILE F 184 3.16 -40.22 11.47
CA ILE F 184 2.84 -38.86 11.04
C ILE F 184 2.28 -38.84 9.63
N LEU F 185 2.81 -39.68 8.75
CA LEU F 185 2.28 -39.72 7.41
C LEU F 185 2.25 -41.17 6.96
N ASP F 186 1.89 -41.37 5.73
CA ASP F 186 1.53 -42.68 5.22
C ASP F 186 2.33 -43.08 3.99
N LYS F 187 2.48 -42.18 3.02
CA LYS F 187 3.31 -42.44 1.85
C LYS F 187 4.34 -41.32 1.67
N VAL F 188 5.53 -41.66 1.15
CA VAL F 188 6.56 -40.68 0.80
C VAL F 188 6.88 -40.82 -0.68
N LEU F 189 6.59 -39.79 -1.46
CA LEU F 189 6.47 -39.90 -2.91
C LEU F 189 7.50 -39.05 -3.62
N VAL F 190 8.06 -39.59 -4.70
CA VAL F 190 8.97 -38.84 -5.58
C VAL F 190 8.27 -38.35 -6.84
N HIS F 191 7.40 -39.17 -7.46
CA HIS F 191 6.77 -38.80 -8.72
C HIS F 191 5.29 -39.18 -8.66
N PRO F 192 4.45 -38.74 -9.60
CA PRO F 192 3.02 -38.84 -9.44
C PRO F 192 2.55 -40.28 -9.44
N PRO F 193 1.97 -40.77 -8.33
CA PRO F 193 1.56 -42.18 -8.16
C PRO F 193 0.59 -42.65 -9.22
N LEU G 2 -3.50 -11.77 -1.48
CA LEU G 2 -3.44 -12.69 -0.36
C LEU G 2 -4.75 -13.51 -0.33
N ILE G 3 -5.87 -12.91 -0.73
CA ILE G 3 -7.22 -13.43 -0.48
C ILE G 3 -7.83 -13.94 -1.78
N PRO G 4 -8.24 -15.20 -1.88
CA PRO G 4 -8.60 -15.78 -3.17
C PRO G 4 -10.04 -15.48 -3.57
N ILE G 5 -10.29 -15.72 -4.86
CA ILE G 5 -11.59 -15.56 -5.53
C ILE G 5 -12.26 -16.91 -5.70
N VAL G 6 -13.49 -17.04 -5.20
CA VAL G 6 -14.32 -18.19 -5.53
C VAL G 6 -15.25 -17.79 -6.67
N VAL G 7 -15.85 -18.80 -7.31
CA VAL G 7 -16.58 -18.56 -8.54
C VAL G 7 -17.84 -19.43 -8.58
N GLU G 8 -18.89 -18.91 -9.22
CA GLU G 8 -20.03 -19.74 -9.59
C GLU G 8 -19.73 -20.52 -10.89
N ARG G 15 -20.85 -13.89 -11.66
CA ARG G 15 -20.88 -15.14 -10.91
C ARG G 15 -19.65 -15.36 -9.98
N ALA G 16 -18.96 -14.28 -9.56
CA ALA G 16 -17.77 -14.41 -8.72
C ALA G 16 -17.79 -13.42 -7.54
N TYR G 17 -17.27 -13.88 -6.40
CA TYR G 17 -17.03 -13.09 -5.19
C TYR G 17 -15.66 -13.48 -4.66
N ASP G 18 -15.14 -12.73 -3.70
CA ASP G 18 -14.00 -13.24 -2.93
C ASP G 18 -14.53 -14.05 -1.74
N ILE G 19 -13.66 -14.87 -1.16
CA ILE G 19 -14.13 -15.88 -0.21
C ILE G 19 -14.73 -15.24 1.04
N TYR G 20 -14.31 -14.04 1.41
CA TYR G 20 -14.97 -13.40 2.54
C TYR G 20 -16.33 -12.87 2.14
N SER G 21 -16.39 -12.10 1.06
CA SER G 21 -17.69 -11.76 0.53
C SER G 21 -18.55 -13.01 0.35
N ARG G 22 -17.93 -14.14 0.04
CA ARG G 22 -18.71 -15.34 -0.18
C ARG G 22 -19.27 -15.86 1.14
N LEU G 23 -18.51 -15.80 2.23
CA LEU G 23 -19.05 -16.24 3.51
C LEU G 23 -20.23 -15.38 3.93
N LEU G 24 -20.28 -14.15 3.45
CA LEU G 24 -21.35 -13.24 3.80
C LEU G 24 -22.64 -13.59 3.06
N ARG G 25 -22.50 -14.14 1.85
CA ARG G 25 -23.67 -14.59 1.11
C ARG G 25 -24.33 -15.78 1.77
N GLU G 26 -23.58 -16.49 2.63
CA GLU G 26 -24.06 -17.55 3.50
C GLU G 26 -24.48 -17.03 4.86
N ARG G 27 -24.58 -15.70 5.02
CA ARG G 27 -24.98 -15.07 6.28
C ARG G 27 -24.02 -15.40 7.40
N ILE G 28 -22.72 -15.26 7.12
CA ILE G 28 -21.68 -15.55 8.10
C ILE G 28 -20.88 -14.29 8.35
N VAL G 29 -20.95 -13.79 9.56
CA VAL G 29 -20.09 -12.73 10.03
C VAL G 29 -18.93 -13.39 10.76
N CYS G 30 -17.72 -13.17 10.25
CA CYS G 30 -16.52 -13.51 11.01
C CYS G 30 -16.24 -12.43 12.04
N VAL G 31 -15.85 -12.87 13.22
CA VAL G 31 -15.17 -12.03 14.18
C VAL G 31 -13.92 -12.81 14.56
N MET G 32 -12.84 -12.56 13.83
CA MET G 32 -11.53 -13.16 14.08
C MET G 32 -10.60 -12.08 14.66
N GLY G 33 -9.83 -12.45 15.68
CA GLY G 33 -8.86 -11.54 16.22
C GLY G 33 -9.41 -10.43 17.11
N PRO G 34 -8.58 -9.40 17.35
CA PRO G 34 -8.89 -8.42 18.40
C PRO G 34 -10.03 -7.51 18.02
N ILE G 35 -10.87 -7.19 19.00
CA ILE G 35 -12.04 -6.36 18.76
C ILE G 35 -11.72 -4.89 19.06
N ASP G 36 -11.66 -4.07 18.00
CA ASP G 36 -11.57 -2.63 18.16
C ASP G 36 -12.75 -1.95 17.47
N ASP G 37 -12.74 -0.63 17.45
CA ASP G 37 -13.92 0.09 17.00
C ASP G 37 -14.21 -0.23 15.54
N SER G 38 -13.17 -0.45 14.74
CA SER G 38 -13.38 -0.72 13.32
C SER G 38 -14.05 -2.07 13.10
N VAL G 39 -13.47 -3.13 13.67
CA VAL G 39 -14.07 -4.47 13.64
C VAL G 39 -15.54 -4.43 14.04
N ALA G 40 -15.84 -3.78 15.17
CA ALA G 40 -17.23 -3.61 15.58
C ALA G 40 -18.00 -2.86 14.50
N SER G 41 -17.49 -1.70 14.05
CA SER G 41 -18.21 -1.00 13.00
C SER G 41 -18.45 -1.90 11.80
N LEU G 42 -17.56 -2.88 11.58
CA LEU G 42 -17.67 -3.72 10.40
C LEU G 42 -18.63 -4.86 10.66
N VAL G 43 -18.46 -5.56 11.78
CA VAL G 43 -19.42 -6.59 12.15
C VAL G 43 -20.85 -6.03 12.14
N ILE G 44 -21.05 -4.84 12.72
CA ILE G 44 -22.40 -4.33 12.92
C ILE G 44 -23.06 -4.02 11.58
N ALA G 45 -22.30 -3.53 10.60
CA ALA G 45 -22.90 -3.28 9.30
C ALA G 45 -23.35 -4.57 8.65
N GLN G 46 -22.58 -5.63 8.84
CA GLN G 46 -22.95 -6.94 8.32
C GLN G 46 -24.21 -7.46 8.99
N LEU G 47 -24.24 -7.48 10.33
CA LEU G 47 -25.47 -7.83 11.02
C LEU G 47 -26.62 -6.97 10.52
N LEU G 48 -26.39 -5.67 10.38
CA LEU G 48 -27.45 -4.84 9.85
C LEU G 48 -27.83 -5.26 8.45
N PHE G 49 -26.84 -5.59 7.62
CA PHE G 49 -27.15 -6.01 6.26
C PHE G 49 -27.97 -7.31 6.25
N LEU G 50 -27.63 -8.26 7.12
CA LEU G 50 -28.26 -9.59 7.04
C LEU G 50 -29.72 -9.56 7.50
N GLN G 51 -30.02 -8.86 8.59
CA GLN G 51 -31.41 -8.74 8.98
C GLN G 51 -32.19 -8.02 7.89
N SER G 52 -31.56 -7.03 7.27
CA SER G 52 -32.07 -6.44 6.04
C SER G 52 -32.57 -7.46 5.05
N GLU G 53 -31.76 -8.49 4.79
CA GLU G 53 -32.10 -9.51 3.80
C GLU G 53 -33.20 -10.44 4.30
N SER G 54 -33.20 -10.79 5.58
CA SER G 54 -34.34 -11.50 6.14
C SER G 54 -34.48 -11.18 7.63
N ASN G 55 -35.67 -10.70 8.02
CA ASN G 55 -36.02 -10.58 9.42
C ASN G 55 -35.85 -11.87 10.20
N LYS G 56 -35.86 -13.03 9.53
CA LYS G 56 -36.00 -14.25 10.33
C LYS G 56 -34.92 -15.29 10.03
N LYS G 57 -34.37 -15.30 8.83
CA LYS G 57 -33.33 -16.27 8.53
C LYS G 57 -32.19 -16.12 9.54
N PRO G 58 -31.72 -17.20 10.16
CA PRO G 58 -30.60 -17.11 11.09
C PRO G 58 -29.37 -16.47 10.46
N ILE G 59 -28.51 -15.94 11.37
CA ILE G 59 -27.17 -15.39 11.13
C ILE G 59 -26.17 -16.23 11.92
N HIS G 60 -25.02 -16.52 11.29
CA HIS G 60 -23.93 -17.25 11.93
C HIS G 60 -22.78 -16.32 12.23
N MET G 61 -22.23 -16.44 13.44
CA MET G 61 -21.19 -15.55 13.94
C MET G 61 -20.03 -16.42 14.37
N TYR G 62 -19.00 -16.51 13.52
CA TYR G 62 -17.83 -17.35 13.79
C TYR G 62 -16.86 -16.51 14.60
N ILE G 63 -16.51 -16.99 15.79
CA ILE G 63 -15.79 -16.19 16.79
C ILE G 63 -14.51 -16.94 17.15
N ASN G 64 -13.35 -16.41 16.70
CA ASN G 64 -11.99 -16.80 17.14
C ASN G 64 -11.24 -15.52 17.46
N SER G 65 -11.39 -15.04 18.68
CA SER G 65 -10.89 -13.74 19.11
C SER G 65 -10.12 -13.92 20.39
N PRO G 66 -9.28 -12.97 20.75
CA PRO G 66 -8.62 -13.03 22.06
C PRO G 66 -9.01 -11.88 22.98
N GLY G 67 -10.00 -11.09 22.60
CA GLY G 67 -10.44 -9.96 23.40
C GLY G 67 -10.59 -8.73 22.56
N GLY G 68 -10.78 -7.58 23.21
CA GLY G 68 -10.87 -6.33 22.48
C GLY G 68 -11.26 -5.17 23.37
N VAL G 69 -11.46 -4.02 22.71
CA VAL G 69 -11.95 -2.82 23.40
C VAL G 69 -13.36 -3.06 23.90
N VAL G 70 -13.58 -2.83 25.19
CA VAL G 70 -14.84 -3.22 25.80
C VAL G 70 -16.01 -2.52 25.10
N THR G 71 -15.89 -1.19 24.88
CA THR G 71 -16.98 -0.46 24.25
C THR G 71 -17.22 -0.90 22.83
N ALA G 72 -16.18 -1.35 22.14
CA ALA G 72 -16.39 -1.93 20.82
C ALA G 72 -17.10 -3.27 20.94
N GLY G 73 -16.62 -4.13 21.83
CA GLY G 73 -17.32 -5.37 22.09
C GLY G 73 -18.79 -5.16 22.41
N LEU G 74 -19.10 -4.13 23.23
CA LEU G 74 -20.49 -3.91 23.65
C LEU G 74 -21.42 -3.49 22.53
N ALA G 75 -20.93 -2.73 21.53
CA ALA G 75 -21.81 -2.36 20.43
C ALA G 75 -22.17 -3.57 19.58
N ILE G 76 -21.38 -4.63 19.67
CA ILE G 76 -21.73 -5.87 19.00
C ILE G 76 -22.74 -6.66 19.83
N TYR G 77 -22.48 -6.84 21.13
CA TYR G 77 -23.54 -7.34 22.01
C TYR G 77 -24.85 -6.61 21.73
N ASP G 78 -24.88 -5.30 21.97
CA ASP G 78 -26.10 -4.55 21.74
C ASP G 78 -26.71 -4.80 20.38
N THR G 79 -25.90 -4.93 19.33
CA THR G 79 -26.56 -5.06 18.03
C THR G 79 -27.19 -6.44 17.86
N MET G 80 -26.49 -7.50 18.27
CA MET G 80 -27.10 -8.82 18.35
C MET G 80 -28.46 -8.77 19.05
N GLN G 81 -28.50 -8.18 20.24
CA GLN G 81 -29.76 -7.99 20.95
C GLN G 81 -30.75 -7.17 20.13
N TYR G 82 -30.27 -6.26 19.28
CA TYR G 82 -31.22 -5.40 18.60
C TYR G 82 -31.92 -6.15 17.49
N ILE G 83 -31.14 -6.80 16.61
CA ILE G 83 -31.72 -7.52 15.48
C ILE G 83 -32.61 -8.68 15.98
N LEU G 84 -33.48 -9.15 15.09
CA LEU G 84 -34.49 -10.12 15.44
C LEU G 84 -34.14 -11.53 15.00
N ASN G 85 -33.12 -11.66 14.16
CA ASN G 85 -32.76 -12.96 13.64
C ASN G 85 -32.37 -13.87 14.80
N PRO G 86 -32.64 -15.16 14.69
CA PRO G 86 -31.87 -16.12 15.47
C PRO G 86 -30.40 -15.94 15.13
N ILE G 87 -29.55 -16.01 16.15
CA ILE G 87 -28.11 -15.79 15.94
C ILE G 87 -27.34 -16.98 16.49
N CYS G 88 -26.73 -17.74 15.57
CA CYS G 88 -25.86 -18.86 15.90
C CYS G 88 -24.44 -18.34 16.07
N THR G 89 -23.86 -18.57 17.22
CA THR G 89 -22.48 -18.18 17.49
C THR G 89 -21.60 -19.42 17.54
N TRP G 90 -20.45 -19.32 16.89
CA TRP G 90 -19.47 -20.39 16.76
C TRP G 90 -18.13 -19.93 17.31
N CYS G 91 -17.60 -20.66 18.28
CA CYS G 91 -16.24 -20.46 18.74
C CYS G 91 -15.34 -21.56 18.21
N VAL G 92 -14.21 -21.12 17.66
CA VAL G 92 -13.22 -22.00 17.07
C VAL G 92 -11.87 -21.45 17.50
N GLY G 93 -10.96 -22.33 17.90
CA GLY G 93 -9.69 -21.85 18.42
C GLY G 93 -9.79 -21.31 19.83
N GLN G 94 -10.39 -20.13 20.02
CA GLN G 94 -10.60 -19.59 21.37
C GLN G 94 -11.56 -18.42 21.31
N ALA G 95 -12.27 -18.19 22.41
CA ALA G 95 -13.01 -16.95 22.62
C ALA G 95 -12.67 -16.47 24.01
N ALA G 96 -11.89 -15.40 24.09
CA ALA G 96 -11.33 -14.89 25.33
C ALA G 96 -11.82 -13.49 25.61
N SER G 97 -12.19 -13.20 26.84
CA SER G 97 -12.67 -11.86 27.21
C SER G 97 -13.84 -11.48 26.29
N MET G 98 -13.86 -10.27 25.73
CA MET G 98 -15.05 -9.78 25.01
C MET G 98 -15.63 -10.81 24.07
N GLY G 99 -14.77 -11.59 23.41
CA GLY G 99 -15.24 -12.57 22.47
C GLY G 99 -16.14 -13.61 23.11
N SER G 100 -15.76 -14.08 24.29
CA SER G 100 -16.59 -15.07 24.95
C SER G 100 -17.89 -14.45 25.41
N LEU G 101 -17.92 -13.13 25.62
CA LEU G 101 -19.22 -12.51 25.84
C LEU G 101 -20.05 -12.56 24.56
N LEU G 102 -19.48 -12.05 23.45
CA LEU G 102 -20.17 -12.21 22.18
C LEU G 102 -20.60 -13.63 21.94
N LEU G 103 -19.74 -14.61 22.27
CA LEU G 103 -20.05 -16.03 22.06
C LEU G 103 -21.24 -16.49 22.91
N ALA G 104 -21.30 -16.07 24.16
CA ALA G 104 -22.42 -16.47 24.98
C ALA G 104 -23.69 -15.69 24.68
N ALA G 105 -23.58 -14.61 23.91
CA ALA G 105 -24.75 -13.78 23.64
C ALA G 105 -25.63 -14.34 22.54
N GLY G 106 -25.22 -15.43 21.91
CA GLY G 106 -26.03 -16.00 20.87
C GLY G 106 -27.37 -16.46 21.39
N THR G 107 -28.32 -16.54 20.46
CA THR G 107 -29.63 -17.15 20.62
C THR G 107 -29.50 -18.46 21.38
N PRO G 108 -30.33 -18.73 22.38
CA PRO G 108 -30.08 -19.89 23.26
C PRO G 108 -30.33 -21.20 22.55
N GLY G 109 -29.50 -22.19 22.88
CA GLY G 109 -29.44 -23.39 22.08
C GLY G 109 -28.77 -23.21 20.74
N MET G 110 -28.10 -22.08 20.51
CA MET G 110 -27.37 -21.89 19.25
C MET G 110 -25.95 -21.39 19.48
N ARG G 111 -25.38 -21.63 20.65
CA ARG G 111 -24.01 -21.23 20.92
C ARG G 111 -23.14 -22.49 20.87
N HIS G 112 -22.42 -22.66 19.78
CA HIS G 112 -21.62 -23.85 19.57
C HIS G 112 -20.14 -23.57 19.79
N SER G 113 -19.39 -24.59 20.19
CA SER G 113 -17.93 -24.56 20.13
C SER G 113 -17.40 -25.83 19.47
N LEU G 114 -16.39 -25.66 18.62
CA LEU G 114 -15.72 -26.82 18.05
C LEU G 114 -15.01 -27.56 19.18
N PRO G 115 -14.55 -28.80 18.96
CA PRO G 115 -14.17 -29.65 20.10
C PRO G 115 -13.03 -29.15 20.95
N ASN G 116 -11.96 -28.58 20.36
CA ASN G 116 -10.71 -28.29 21.08
C ASN G 116 -10.53 -26.82 21.41
N SER G 117 -11.60 -26.03 21.44
CA SER G 117 -11.42 -24.60 21.66
C SER G 117 -11.09 -24.33 23.13
N ARG G 118 -10.75 -23.08 23.41
CA ARG G 118 -10.48 -22.60 24.75
C ARG G 118 -11.36 -21.38 24.98
N ILE G 119 -11.95 -21.27 26.17
CA ILE G 119 -12.89 -20.20 26.47
C ILE G 119 -12.54 -19.55 27.81
N MET G 120 -12.47 -18.21 27.81
CA MET G 120 -12.11 -17.43 28.99
C MET G 120 -13.00 -16.19 29.10
N ILE G 121 -13.54 -15.95 30.30
CA ILE G 121 -14.29 -14.73 30.57
C ILE G 121 -13.52 -13.75 31.45
N HIS G 122 -12.46 -14.20 32.12
CA HIS G 122 -11.49 -13.35 32.79
C HIS G 122 -11.09 -12.14 31.96
N GLN G 123 -11.33 -10.95 32.49
CA GLN G 123 -10.85 -9.83 31.72
C GLN G 123 -9.34 -9.65 31.98
N PRO G 124 -8.53 -9.36 30.96
CA PRO G 124 -7.09 -9.21 31.19
C PRO G 124 -6.71 -7.85 31.78
N SER G 125 -5.44 -7.47 31.62
CA SER G 125 -4.96 -6.19 32.12
C SER G 125 -5.22 -6.09 33.61
N THR G 133 -8.90 -0.04 26.29
CA THR G 133 -9.86 1.04 26.04
C THR G 133 -9.18 2.28 25.46
N ASP G 134 -9.92 2.96 24.57
CA ASP G 134 -9.51 4.11 23.76
C ASP G 134 -8.73 5.16 24.55
N ILE G 135 -9.43 6.22 24.96
CA ILE G 135 -8.88 7.16 25.91
C ILE G 135 -8.84 6.53 27.30
N ALA G 136 -7.85 6.93 28.10
CA ALA G 136 -7.78 6.42 29.46
C ALA G 136 -8.95 6.95 30.28
N ILE G 137 -9.32 6.18 31.31
CA ILE G 137 -10.58 6.42 32.03
C ILE G 137 -10.33 6.29 33.52
N GLN G 138 -11.26 6.79 34.31
CA GLN G 138 -11.04 6.81 35.74
C GLN G 138 -11.39 5.47 36.37
N ALA G 139 -10.91 5.29 37.61
CA ALA G 139 -11.08 4.03 38.32
C ALA G 139 -12.54 3.63 38.41
N GLU G 140 -13.43 4.60 38.61
CA GLU G 140 -14.83 4.23 38.73
C GLU G 140 -15.43 3.87 37.37
N GLU G 141 -14.92 4.47 36.30
CA GLU G 141 -15.47 4.18 34.98
C GLU G 141 -15.07 2.79 34.48
N ILE G 142 -13.91 2.28 34.89
CA ILE G 142 -13.65 0.89 34.56
C ILE G 142 -14.58 -0.02 35.35
N MET G 143 -14.76 0.26 36.64
CA MET G 143 -15.60 -0.62 37.43
C MET G 143 -17.05 -0.58 37.00
N LYS G 144 -17.57 0.59 36.62
CA LYS G 144 -18.89 0.59 36.02
C LYS G 144 -18.90 -0.32 34.81
N LEU G 145 -17.83 -0.30 34.01
CA LEU G 145 -17.79 -1.17 32.84
C LEU G 145 -17.79 -2.63 33.25
N LYS G 146 -16.88 -3.02 34.14
CA LYS G 146 -16.83 -4.40 34.63
C LYS G 146 -18.21 -4.87 35.10
N LYS G 147 -18.95 -4.03 35.82
CA LYS G 147 -20.30 -4.38 36.23
C LYS G 147 -21.18 -4.68 35.02
N GLN G 148 -21.05 -3.91 33.94
CA GLN G 148 -21.84 -4.22 32.77
C GLN G 148 -21.53 -5.61 32.26
N LEU G 149 -20.29 -6.06 32.42
CA LEU G 149 -19.96 -7.38 31.91
C LEU G 149 -20.54 -8.48 32.77
N TYR G 150 -20.34 -8.38 34.09
CA TYR G 150 -21.08 -9.17 35.08
C TYR G 150 -22.55 -9.32 34.74
N ASN G 151 -23.25 -8.20 34.54
CA ASN G 151 -24.66 -8.29 34.20
C ASN G 151 -24.89 -9.05 32.90
N ILE G 152 -24.13 -8.74 31.86
CA ILE G 152 -24.36 -9.45 30.61
C ILE G 152 -24.09 -10.93 30.80
N TYR G 153 -23.04 -11.29 31.52
CA TYR G 153 -22.74 -12.69 31.70
C TYR G 153 -23.75 -13.39 32.58
N ALA G 154 -24.21 -12.74 33.66
CA ALA G 154 -25.22 -13.36 34.49
C ALA G 154 -26.50 -13.62 33.71
N LYS G 155 -26.86 -12.69 32.81
CA LYS G 155 -28.10 -12.80 32.04
C LYS G 155 -28.06 -14.00 31.10
N HIS G 156 -26.94 -14.21 30.44
CA HIS G 156 -26.86 -15.20 29.38
C HIS G 156 -26.46 -16.58 29.89
N THR G 157 -25.74 -16.68 31.01
CA THR G 157 -25.43 -18.00 31.56
C THR G 157 -26.41 -18.44 32.63
N LYS G 158 -27.21 -17.52 33.15
CA LYS G 158 -28.15 -17.82 34.21
C LYS G 158 -27.41 -18.07 35.54
N GLN G 159 -26.09 -18.05 35.50
CA GLN G 159 -25.32 -18.04 36.74
C GLN G 159 -25.61 -16.76 37.50
N SER G 160 -25.53 -16.83 38.81
CA SER G 160 -25.82 -15.64 39.61
C SER G 160 -24.70 -14.60 39.47
N LEU G 161 -25.07 -13.33 39.63
CA LEU G 161 -24.08 -12.26 39.76
C LEU G 161 -22.88 -12.75 40.56
N GLN G 162 -23.12 -13.21 41.78
CA GLN G 162 -21.99 -13.61 42.63
C GLN G 162 -21.12 -14.66 41.93
N VAL G 163 -21.73 -15.57 41.19
CA VAL G 163 -20.99 -16.65 40.57
C VAL G 163 -20.19 -16.15 39.38
N ILE G 164 -20.78 -15.26 38.57
CA ILE G 164 -20.06 -14.64 37.47
C ILE G 164 -18.80 -13.93 37.98
N GLU G 165 -18.94 -13.17 39.07
CA GLU G 165 -17.83 -12.41 39.65
C GLU G 165 -16.75 -13.34 40.19
N SER G 166 -17.13 -14.28 41.06
CA SER G 166 -16.14 -15.13 41.71
C SER G 166 -15.32 -15.89 40.68
N ALA G 167 -15.94 -16.22 39.53
CA ALA G 167 -15.34 -16.93 38.41
C ALA G 167 -14.51 -16.03 37.49
N MET G 168 -14.96 -14.80 37.22
CA MET G 168 -14.12 -13.92 36.43
C MET G 168 -12.86 -13.48 37.17
N GLU G 169 -12.78 -13.82 38.44
CA GLU G 169 -11.61 -13.53 39.26
C GLU G 169 -10.46 -14.49 39.01
N ARG G 170 -10.74 -15.70 38.52
CA ARG G 170 -9.71 -16.68 38.21
C ARG G 170 -9.16 -16.44 36.80
N ASP G 171 -7.85 -16.58 36.66
CA ASP G 171 -7.14 -16.32 35.41
C ASP G 171 -6.89 -17.66 34.74
N ARG G 172 -7.92 -18.20 34.10
CA ARG G 172 -7.85 -19.56 33.58
C ARG G 172 -8.73 -19.67 32.35
N TYR G 173 -8.66 -20.84 31.70
CA TYR G 173 -9.50 -21.16 30.54
C TYR G 173 -10.39 -22.36 30.82
N MET G 174 -11.54 -22.42 30.14
CA MET G 174 -12.38 -23.59 30.23
C MET G 174 -12.39 -24.35 28.91
N SER G 175 -12.50 -25.67 29.01
CA SER G 175 -12.79 -26.48 27.85
C SER G 175 -14.21 -26.19 27.39
N PRO G 176 -14.51 -26.40 26.12
CA PRO G 176 -15.90 -26.22 25.70
C PRO G 176 -16.91 -26.94 26.58
N MET G 177 -16.54 -28.07 27.20
CA MET G 177 -17.57 -28.68 28.01
C MET G 177 -17.78 -27.90 29.29
N GLU G 178 -16.71 -27.51 29.98
CA GLU G 178 -16.91 -26.62 31.11
C GLU G 178 -17.73 -25.43 30.68
N ALA G 179 -17.36 -24.82 29.55
CA ALA G 179 -18.06 -23.65 29.07
C ALA G 179 -19.50 -23.97 28.73
N GLN G 180 -19.77 -25.19 28.24
CA GLN G 180 -21.15 -25.62 28.06
C GLN G 180 -21.90 -25.64 29.38
N GLU G 181 -21.31 -26.23 30.41
CA GLU G 181 -21.98 -26.44 31.69
C GLU G 181 -21.97 -25.23 32.58
N PHE G 182 -21.33 -24.15 32.15
CA PHE G 182 -21.35 -22.89 32.88
C PHE G 182 -22.48 -22.02 32.38
N GLY G 183 -22.71 -22.03 31.07
CA GLY G 183 -23.78 -21.28 30.47
C GLY G 183 -23.34 -20.43 29.31
N ILE G 184 -22.21 -20.77 28.72
CA ILE G 184 -21.68 -19.97 27.62
C ILE G 184 -22.00 -20.69 26.31
N LEU G 185 -22.00 -22.01 26.35
CA LEU G 185 -22.24 -22.84 25.19
C LEU G 185 -23.48 -23.67 25.45
N ASP G 186 -24.13 -24.09 24.36
CA ASP G 186 -25.10 -25.17 24.43
C ASP G 186 -24.52 -26.44 23.83
N LYS G 187 -24.18 -26.43 22.56
CA LYS G 187 -23.66 -27.62 21.90
C LYS G 187 -22.13 -27.60 21.89
N VAL G 188 -21.52 -28.79 21.78
CA VAL G 188 -20.12 -28.94 21.40
C VAL G 188 -20.02 -30.07 20.37
N LEU G 189 -19.27 -29.86 19.31
CA LEU G 189 -19.55 -30.68 18.13
C LEU G 189 -18.64 -31.87 17.85
N VAL G 190 -17.83 -31.74 16.77
CA VAL G 190 -16.97 -32.73 16.08
C VAL G 190 -17.31 -32.76 14.57
N HIS G 191 -18.63 -32.78 14.23
CA HIS G 191 -19.18 -32.69 12.87
C HIS G 191 -20.67 -32.32 12.94
N PRO G 192 -21.39 -32.14 11.81
CA PRO G 192 -22.85 -31.93 12.00
C PRO G 192 -23.65 -33.19 12.38
#